data_5QJ3
#
_entry.id   5QJ3
#
_cell.length_a   106.541
_cell.length_b   106.541
_cell.length_c   238.694
_cell.angle_alpha   90.000
_cell.angle_beta   90.000
_cell.angle_gamma   90.000
#
_symmetry.space_group_name_H-M   'P 43 21 2'
#
loop_
_entity.id
_entity.type
_entity.pdbx_description
1 polymer Myeloperoxidase
2 polymer Myeloperoxidase
3 branched 2-acetamido-2-deoxy-beta-D-glucopyranose-(1-4)-2-acetamido-2-deoxy-beta-D-glucopyranose
4 branched alpha-D-mannopyranose-(1-3)-[alpha-D-mannopyranose-(1-6)]beta-D-mannopyranose-(1-4)-2-acetamido-2-deoxy-beta-D-glucopyranose-(1-4)-[alpha-L-fucopyranose-(1-6)]2-acetamido-2-deoxy-beta-D-glucopyranose
5 non-polymer 'CHLORIDE ION'
6 non-polymer 'PROTOPORPHYRIN IX CONTAINING FE'
7 non-polymer 2-acetamido-2-deoxy-beta-D-glucopyranose
8 non-polymer 'CALCIUM ION'
9 non-polymer "7-[(4-chloro-3'-fluoro[1,1'-biphenyl]-3-yl)methoxy]-1H-[1,2,3]triazolo[4,5-b]pyridin-5-amine"
10 water water
#
loop_
_entity_poly.entity_id
_entity_poly.type
_entity_poly.pdbx_seq_one_letter_code
_entity_poly.pdbx_strand_id
1 'polypeptide(L)'
;CPEQDKYRTITGMCNNRRSPTLGASNRAFVRWLPAEYEDGFSLPYGWTPGVKRNGFPVALARAVSNEIVRFPTDQLTPDQ
ERSLMFMQWGQLLDHDLDFTPEPAA
;
A,D
2 'polypeptide(L)'
;AVNCETSCVQQPPCFPLKIPPNDPRIKNQADCIPFFRSCPACPGSNITIRNQINALTSFVDASMVYGSEEPLARNLRNMS
NQLGLLAVNQRFQDNGRALLPFDNLHDDPCLLTNRSARIPCFLAGDTRSSEMPELTSMHTLLLREHNRLATELKSLNPRW
DGERLYQEARKIVGAMVQIITYRDYLPLVLGPTAMRKYLPTYRSYNDSVDPRIANVFTNAFRYGHTLIQPFMFRLDNRYQ
PMEPNPRVPLSRVFFASWRVVLEGGIDPILRGLMATPAKLNRQNQIAVDEIRERLFEQVMRIGLDLPALNMQRSRDHGLP
GYNAWRRFCGLPQPETVGQLGTVLRNLKLARKLMEQYGTPNNIDIWMGGVSEPLKRKGRVGPLLACIIGTQFRKLRDGDR
FWWENEGVFSMQQRQALAQISLPRIICDNTGITTVSKNNIFMSNSYPRDFVNCSTLPALNLASWREA
;
B,E
#
loop_
_chem_comp.id
_chem_comp.type
_chem_comp.name
_chem_comp.formula
BMA D-saccharide, beta linking beta-D-mannopyranose 'C6 H12 O6'
CA non-polymer 'CALCIUM ION' 'Ca 2'
CL non-polymer 'CHLORIDE ION' 'Cl -1'
FUC L-saccharide, alpha linking alpha-L-fucopyranose 'C6 H12 O5'
HEM non-polymer 'PROTOPORPHYRIN IX CONTAINING FE' 'C34 H32 Fe N4 O4'
JXP non-polymer 7-[(4-chloro-3'-fluoro[1,1'-biphenyl]-3-yl)methoxy]-1H-[1,2,3]triazolo[4,5-b]pyridin-5-amine 'C18 H13 Cl F N5 O'
MAN D-saccharide, alpha linking alpha-D-mannopyranose 'C6 H12 O6'
NAG D-saccharide, beta linking 2-acetamido-2-deoxy-beta-D-glucopyranose 'C8 H15 N O6'
#
# COMPACT_ATOMS: atom_id res chain seq x y z
N CYS A 1 8.21 -22.35 1.64
CA CYS A 1 7.95 -22.08 0.23
C CYS A 1 8.79 -23.03 -0.66
N PRO A 2 8.18 -24.12 -1.18
CA PRO A 2 8.95 -25.12 -1.94
C PRO A 2 9.51 -24.67 -3.27
N GLU A 3 10.78 -25.06 -3.55
CA GLU A 3 11.53 -24.73 -4.79
C GLU A 3 10.92 -25.40 -6.02
N GLN A 4 10.22 -26.52 -5.83
CA GLN A 4 9.56 -27.27 -6.90
C GLN A 4 8.13 -27.57 -6.47
N ASP A 5 7.17 -27.28 -7.38
CA ASP A 5 5.72 -27.48 -7.18
C ASP A 5 4.97 -27.60 -8.51
N LYS A 6 4.02 -28.55 -8.56
CA LYS A 6 3.21 -28.78 -9.77
C LYS A 6 1.82 -28.12 -9.69
N TYR A 7 1.31 -27.92 -8.46
CA TYR A 7 -0.03 -27.36 -8.26
C TYR A 7 -0.10 -26.14 -7.32
N ARG A 8 -1.26 -25.49 -7.37
CA ARG A 8 -1.60 -24.35 -6.55
C ARG A 8 -1.87 -24.85 -5.14
N THR A 9 -1.61 -23.98 -4.16
CA THR A 9 -1.98 -24.28 -2.79
C THR A 9 -3.48 -23.92 -2.71
N ILE A 10 -4.17 -24.39 -1.67
CA ILE A 10 -5.57 -24.06 -1.53
C ILE A 10 -5.70 -22.58 -1.11
N THR A 11 -4.75 -22.09 -0.32
CA THR A 11 -4.78 -20.71 0.18
C THR A 11 -4.17 -19.68 -0.73
N GLY A 12 -3.52 -20.10 -1.78
CA GLY A 12 -2.88 -19.17 -2.70
C GLY A 12 -1.49 -18.81 -2.23
N MET A 13 -1.08 -19.38 -1.09
CA MET A 13 0.24 -19.21 -0.49
C MET A 13 1.26 -19.74 -1.48
N CYS A 14 2.41 -19.06 -1.61
CA CYS A 14 3.51 -19.50 -2.47
C CYS A 14 3.36 -19.29 -3.98
N ASN A 15 2.25 -18.68 -4.44
CA ASN A 15 2.11 -18.40 -5.87
C ASN A 15 3.21 -17.40 -6.21
N ASN A 16 3.36 -16.37 -5.39
CA ASN A 16 4.42 -15.39 -5.60
C ASN A 16 5.54 -15.77 -4.66
N ARG A 17 6.67 -16.22 -5.22
CA ARG A 17 7.81 -16.70 -4.46
C ARG A 17 8.50 -15.62 -3.64
N ARG A 18 8.63 -14.36 -4.19
CA ARG A 18 9.25 -13.24 -3.48
C ARG A 18 8.38 -12.69 -2.34
N SER A 19 7.06 -12.71 -2.51
CA SER A 19 6.08 -12.25 -1.51
C SER A 19 4.97 -13.33 -1.42
N PRO A 20 5.25 -14.43 -0.68
CA PRO A 20 4.32 -15.57 -0.68
C PRO A 20 2.87 -15.43 -0.30
N THR A 21 2.47 -14.36 0.41
CA THR A 21 1.06 -14.20 0.83
C THR A 21 0.24 -13.45 -0.22
N LEU A 22 0.90 -12.95 -1.29
CA LEU A 22 0.22 -12.17 -2.32
C LEU A 22 -0.79 -13.01 -3.09
N GLY A 23 -2.06 -12.64 -2.96
CA GLY A 23 -3.16 -13.37 -3.59
C GLY A 23 -3.70 -14.47 -2.73
N ALA A 24 -3.08 -14.71 -1.56
CA ALA A 24 -3.51 -15.72 -0.61
C ALA A 24 -4.74 -15.24 0.18
N SER A 25 -5.52 -16.20 0.70
CA SER A 25 -6.72 -15.96 1.46
C SER A 25 -6.43 -15.39 2.87
N ASN A 26 -7.44 -14.73 3.46
CA ASN A 26 -7.39 -14.14 4.79
C ASN A 26 -6.26 -13.14 4.97
N ARG A 27 -6.12 -12.24 3.99
CA ARG A 27 -5.12 -11.17 3.98
C ARG A 27 -5.81 -9.83 3.67
N ALA A 28 -5.18 -8.71 4.01
CA ALA A 28 -5.76 -7.38 3.77
C ALA A 28 -5.72 -7.06 2.30
N PHE A 29 -6.78 -6.41 1.80
CA PHE A 29 -6.85 -5.97 0.41
C PHE A 29 -5.73 -4.98 0.12
N VAL A 30 -5.31 -4.86 -1.14
CA VAL A 30 -4.36 -3.81 -1.49
C VAL A 30 -5.20 -2.52 -1.73
N ARG A 31 -4.58 -1.32 -1.54
CA ARG A 31 -5.25 -0.04 -1.79
C ARG A 31 -4.59 0.62 -2.98
N TRP A 32 -5.41 1.10 -3.95
CA TRP A 32 -4.89 1.85 -5.10
C TRP A 32 -4.85 3.36 -4.79
N LEU A 33 -5.62 3.80 -3.79
CA LEU A 33 -5.66 5.16 -3.30
C LEU A 33 -5.74 5.14 -1.77
N PRO A 34 -5.17 6.13 -1.05
CA PRO A 34 -5.32 6.14 0.42
C PRO A 34 -6.78 6.28 0.81
N ALA A 35 -7.18 5.60 1.89
CA ALA A 35 -8.53 5.63 2.44
C ALA A 35 -8.95 7.04 2.88
N GLU A 36 -10.25 7.32 2.79
CA GLU A 36 -10.89 8.59 3.15
C GLU A 36 -11.97 8.34 4.22
N TYR A 37 -11.60 8.59 5.47
CA TYR A 37 -12.43 8.44 6.64
C TYR A 37 -12.60 9.82 7.30
N GLU A 38 -13.72 9.94 8.05
CA GLU A 38 -14.15 11.11 8.77
C GLU A 38 -13.03 11.60 9.68
N ASP A 39 -12.40 10.66 10.42
CA ASP A 39 -11.33 10.91 11.40
C ASP A 39 -9.96 10.64 10.77
N GLY A 40 -9.98 10.24 9.50
CA GLY A 40 -8.78 9.93 8.75
C GLY A 40 -8.25 8.52 8.90
N PHE A 41 -8.73 7.77 9.91
CA PHE A 41 -8.21 6.41 10.07
C PHE A 41 -9.22 5.27 10.25
N SER A 42 -10.46 5.55 10.67
CA SER A 42 -11.44 4.48 10.90
C SER A 42 -12.92 4.81 10.66
N LEU A 43 -13.39 6.00 11.06
CA LEU A 43 -14.83 6.33 10.95
C LEU A 43 -15.28 6.61 9.52
N PRO A 44 -16.33 5.93 9.04
CA PRO A 44 -16.80 6.17 7.65
C PRO A 44 -17.53 7.49 7.52
N TYR A 45 -17.55 8.08 6.29
CA TYR A 45 -18.34 9.29 6.07
C TYR A 45 -19.81 8.95 6.24
N GLY A 46 -20.50 9.80 6.99
CA GLY A 46 -21.91 9.63 7.33
C GLY A 46 -22.10 9.16 8.76
N TRP A 47 -21.00 8.82 9.44
CA TRP A 47 -21.02 8.36 10.82
C TRP A 47 -21.48 9.46 11.77
N THR A 48 -20.77 10.61 11.77
CA THR A 48 -21.10 11.74 12.65
C THR A 48 -22.08 12.73 11.99
N PRO A 49 -23.22 13.07 12.68
CA PRO A 49 -24.18 14.04 12.11
C PRO A 49 -23.52 15.42 12.06
N GLY A 50 -23.72 16.12 10.95
CA GLY A 50 -23.14 17.44 10.73
C GLY A 50 -21.72 17.45 10.17
N VAL A 51 -21.04 16.30 10.12
CA VAL A 51 -19.68 16.23 9.58
C VAL A 51 -19.77 16.05 8.04
N LYS A 52 -19.45 17.13 7.33
CA LYS A 52 -19.47 17.18 5.87
C LYS A 52 -18.29 16.44 5.21
N ARG A 53 -18.45 16.06 3.95
CA ARG A 53 -17.39 15.44 3.16
C ARG A 53 -17.08 16.42 2.06
N ASN A 54 -15.80 16.86 2.01
CA ASN A 54 -15.27 17.78 1.01
C ASN A 54 -16.27 18.91 0.67
N GLY A 55 -16.72 19.62 1.69
CA GLY A 55 -17.61 20.78 1.60
C GLY A 55 -19.10 20.54 1.57
N PHE A 56 -19.54 19.27 1.61
CA PHE A 56 -20.97 19.01 1.44
C PHE A 56 -21.55 18.01 2.40
N PRO A 57 -22.85 18.10 2.76
CA PRO A 57 -23.44 17.05 3.62
C PRO A 57 -23.41 15.70 2.91
N VAL A 58 -23.30 14.63 3.71
CA VAL A 58 -23.24 13.25 3.22
C VAL A 58 -24.68 12.80 3.02
N ALA A 59 -25.01 12.39 1.78
CA ALA A 59 -26.35 11.92 1.39
C ALA A 59 -26.56 10.52 1.92
N LEU A 60 -27.79 10.21 2.38
CA LEU A 60 -28.15 8.87 2.87
C LEU A 60 -28.12 7.89 1.68
N ALA A 61 -27.39 6.75 1.81
CA ALA A 61 -27.29 5.74 0.76
C ALA A 61 -28.69 5.30 0.29
N ARG A 62 -29.66 5.24 1.22
CA ARG A 62 -31.05 4.93 0.94
C ARG A 62 -31.72 6.02 0.09
N ALA A 63 -31.43 7.31 0.36
CA ALA A 63 -31.98 8.44 -0.42
C ALA A 63 -31.44 8.41 -1.86
N VAL A 64 -30.12 8.15 -2.01
CA VAL A 64 -29.48 8.06 -3.33
C VAL A 64 -30.17 6.95 -4.11
N SER A 65 -30.38 5.79 -3.45
CA SER A 65 -31.04 4.62 -4.00
C SER A 65 -32.45 5.02 -4.48
N ASN A 66 -33.28 5.55 -3.57
CA ASN A 66 -34.64 6.00 -3.87
C ASN A 66 -34.73 6.98 -5.05
N GLU A 67 -33.85 7.98 -5.07
CA GLU A 67 -33.85 9.07 -6.05
C GLU A 67 -33.21 8.79 -7.39
N ILE A 68 -32.21 7.90 -7.43
CA ILE A 68 -31.48 7.67 -8.67
C ILE A 68 -31.54 6.22 -9.16
N VAL A 69 -31.54 5.24 -8.24
CA VAL A 69 -31.54 3.83 -8.61
C VAL A 69 -32.91 3.33 -9.03
N ARG A 70 -33.93 3.67 -8.21
CA ARG A 70 -35.34 3.27 -8.36
C ARG A 70 -35.90 3.56 -9.74
N PHE A 71 -36.59 2.56 -10.32
CA PHE A 71 -37.31 2.61 -11.61
C PHE A 71 -38.49 1.62 -11.54
N PRO A 72 -39.65 1.89 -12.23
CA PRO A 72 -40.78 0.91 -12.19
C PRO A 72 -40.46 -0.41 -12.94
N THR A 73 -40.58 -1.54 -12.23
CA THR A 73 -40.25 -2.90 -12.69
C THR A 73 -40.68 -3.27 -14.11
N ASP A 74 -41.95 -2.99 -14.44
CA ASP A 74 -42.60 -3.29 -15.71
C ASP A 74 -41.94 -2.64 -16.97
N GLN A 75 -41.08 -1.60 -16.81
CA GLN A 75 -40.38 -0.92 -17.91
C GLN A 75 -38.99 -1.49 -18.18
N LEU A 76 -38.57 -2.55 -17.43
CA LEU A 76 -37.26 -3.16 -17.60
C LEU A 76 -36.94 -3.37 -19.06
N THR A 77 -35.73 -2.95 -19.48
CA THR A 77 -35.25 -3.13 -20.83
C THR A 77 -34.40 -4.40 -20.88
N PRO A 78 -34.81 -5.46 -21.60
CA PRO A 78 -33.93 -6.64 -21.72
C PRO A 78 -32.77 -6.35 -22.70
N ASP A 79 -31.61 -6.96 -22.44
CA ASP A 79 -30.45 -6.81 -23.30
C ASP A 79 -30.59 -7.71 -24.53
N GLN A 80 -30.54 -7.11 -25.72
CA GLN A 80 -30.64 -7.87 -26.96
C GLN A 80 -29.39 -8.68 -27.24
N GLU A 81 -28.23 -8.25 -26.72
CA GLU A 81 -26.93 -8.90 -26.97
C GLU A 81 -26.24 -9.64 -25.78
N ARG A 82 -26.97 -9.96 -24.70
CA ARG A 82 -26.43 -10.69 -23.55
C ARG A 82 -27.49 -11.61 -22.97
N SER A 83 -27.07 -12.80 -22.45
CA SER A 83 -27.98 -13.73 -21.78
C SER A 83 -27.89 -13.55 -20.26
N LEU A 84 -28.82 -14.15 -19.47
CA LEU A 84 -28.77 -14.04 -18.02
C LEU A 84 -27.53 -14.75 -17.49
N MET A 85 -26.98 -15.68 -18.30
CA MET A 85 -25.75 -16.42 -18.02
C MET A 85 -24.57 -15.42 -17.85
N PHE A 86 -24.61 -14.28 -18.60
CA PHE A 86 -23.62 -13.21 -18.53
C PHE A 86 -23.61 -12.61 -17.11
N MET A 87 -24.79 -12.39 -16.53
CA MET A 87 -24.90 -11.92 -15.15
C MET A 87 -24.36 -13.01 -14.19
N GLN A 88 -24.80 -14.26 -14.38
CA GLN A 88 -24.49 -15.36 -13.49
C GLN A 88 -23.05 -15.72 -13.40
N TRP A 89 -22.34 -15.71 -14.55
CA TRP A 89 -20.92 -16.01 -14.58
C TRP A 89 -20.15 -14.92 -13.81
N GLY A 90 -20.60 -13.66 -13.95
CA GLY A 90 -20.07 -12.51 -13.22
C GLY A 90 -20.14 -12.70 -11.72
N GLN A 91 -21.27 -13.23 -11.20
CA GLN A 91 -21.42 -13.48 -9.77
C GLN A 91 -20.55 -14.66 -9.36
N LEU A 92 -20.57 -15.75 -10.14
CA LEU A 92 -19.76 -16.94 -9.89
C LEU A 92 -18.27 -16.54 -9.85
N LEU A 93 -17.85 -15.71 -10.83
CA LEU A 93 -16.49 -15.17 -10.98
C LEU A 93 -16.10 -14.37 -9.74
N ASP A 94 -16.99 -13.50 -9.30
CA ASP A 94 -16.79 -12.66 -8.12
C ASP A 94 -16.48 -13.51 -6.90
N HIS A 95 -17.12 -14.68 -6.82
CA HIS A 95 -17.03 -15.61 -5.71
C HIS A 95 -15.73 -16.44 -5.71
N ASP A 96 -14.93 -16.31 -6.77
CA ASP A 96 -13.62 -16.95 -6.90
C ASP A 96 -12.57 -15.91 -6.44
N LEU A 97 -12.95 -14.61 -6.55
CA LEU A 97 -12.07 -13.47 -6.30
C LEU A 97 -12.12 -12.87 -4.92
N ASP A 98 -13.30 -12.42 -4.47
CA ASP A 98 -13.34 -11.76 -3.18
C ASP A 98 -14.51 -12.05 -2.30
N PHE A 99 -14.26 -12.06 -1.00
CA PHE A 99 -15.28 -12.16 0.04
C PHE A 99 -14.80 -11.32 1.22
N THR A 100 -15.61 -10.31 1.60
CA THR A 100 -15.27 -9.42 2.71
C THR A 100 -15.98 -9.87 3.98
N PRO A 101 -15.29 -10.56 4.92
CA PRO A 101 -15.96 -11.02 6.15
C PRO A 101 -16.52 -9.92 7.00
N GLU A 102 -17.54 -10.25 7.81
CA GLU A 102 -18.23 -9.36 8.74
C GLU A 102 -18.27 -9.98 10.13
N PRO A 103 -18.36 -9.19 11.22
CA PRO A 103 -18.37 -9.78 12.59
C PRO A 103 -19.43 -10.85 12.87
N ASN B 3 -25.26 -6.07 17.80
CA ASN B 3 -26.68 -6.40 17.61
C ASN B 3 -27.27 -5.75 16.32
N CYS B 4 -26.49 -5.81 15.20
CA CYS B 4 -26.80 -5.18 13.91
C CYS B 4 -28.06 -5.63 13.23
N GLU B 5 -28.38 -6.90 13.36
CA GLU B 5 -29.56 -7.51 12.75
C GLU B 5 -30.85 -6.98 13.33
N THR B 6 -30.82 -6.45 14.56
CA THR B 6 -32.03 -5.95 15.22
C THR B 6 -32.00 -4.51 15.74
N SER B 7 -30.83 -4.00 16.16
CA SER B 7 -30.67 -2.65 16.71
C SER B 7 -30.58 -1.53 15.64
N CYS B 8 -30.92 -0.29 16.02
CA CYS B 8 -30.79 0.86 15.10
C CYS B 8 -29.81 1.87 15.64
N VAL B 9 -29.29 1.61 16.86
CA VAL B 9 -28.28 2.42 17.52
C VAL B 9 -26.96 2.22 16.77
N GLN B 10 -26.30 3.34 16.42
CA GLN B 10 -25.01 3.34 15.70
C GLN B 10 -23.87 3.20 16.71
N GLN B 11 -23.46 1.97 17.00
CA GLN B 11 -22.38 1.59 17.93
C GLN B 11 -21.58 0.48 17.23
N PRO B 12 -20.24 0.47 17.32
CA PRO B 12 -19.48 -0.60 16.63
C PRO B 12 -19.91 -2.02 17.00
N PRO B 13 -19.99 -2.98 16.04
CA PRO B 13 -19.64 -2.88 14.60
C PRO B 13 -20.77 -2.45 13.65
N CYS B 14 -21.84 -1.86 14.19
CA CYS B 14 -23.00 -1.49 13.41
C CYS B 14 -22.90 -0.16 12.79
N PHE B 15 -23.28 -0.08 11.52
CA PHE B 15 -23.32 1.19 10.76
C PHE B 15 -24.64 1.15 9.94
N PRO B 16 -25.80 1.25 10.65
CA PRO B 16 -27.10 1.11 9.96
C PRO B 16 -27.41 2.25 9.02
N LEU B 17 -28.11 1.92 7.94
CA LEU B 17 -28.53 2.87 6.94
C LEU B 17 -29.82 3.53 7.45
N LYS B 18 -29.77 4.86 7.72
CA LYS B 18 -30.94 5.63 8.21
C LYS B 18 -31.99 5.79 7.10
N ILE B 19 -33.25 5.95 7.51
CA ILE B 19 -34.38 6.07 6.58
C ILE B 19 -34.72 7.52 6.28
N PRO B 20 -34.77 7.88 4.99
CA PRO B 20 -35.13 9.26 4.62
C PRO B 20 -36.63 9.55 4.74
N PRO B 21 -37.08 10.84 4.84
CA PRO B 21 -38.53 11.09 4.87
C PRO B 21 -39.16 10.72 3.52
N ASN B 22 -40.45 10.35 3.55
CA ASN B 22 -41.23 9.94 2.38
C ASN B 22 -40.54 8.80 1.60
N ASP B 23 -40.07 7.77 2.32
CA ASP B 23 -39.44 6.62 1.68
C ASP B 23 -40.59 5.82 0.98
N PRO B 24 -40.38 5.16 -0.18
CA PRO B 24 -41.49 4.42 -0.80
C PRO B 24 -41.93 3.11 -0.11
N ARG B 25 -41.13 2.61 0.84
CA ARG B 25 -41.39 1.35 1.52
C ARG B 25 -41.32 1.45 3.04
N ILE B 26 -40.18 1.89 3.59
CA ILE B 26 -40.00 2.00 5.03
C ILE B 26 -40.60 3.32 5.48
N LYS B 27 -41.85 3.27 6.00
CA LYS B 27 -42.51 4.51 6.46
C LYS B 27 -42.12 4.97 7.85
N ASN B 28 -41.48 4.09 8.64
CA ASN B 28 -41.04 4.42 9.99
C ASN B 28 -39.58 4.85 9.94
N GLN B 29 -39.33 6.14 10.22
CA GLN B 29 -37.98 6.70 10.21
C GLN B 29 -37.11 6.32 11.41
N ALA B 30 -37.67 5.66 12.45
CA ALA B 30 -36.93 5.16 13.62
C ALA B 30 -36.31 3.79 13.29
N ASP B 31 -36.81 3.14 12.22
CA ASP B 31 -36.30 1.89 11.69
C ASP B 31 -35.04 2.23 10.86
N CYS B 32 -34.41 1.20 10.28
CA CYS B 32 -33.19 1.31 9.49
C CYS B 32 -32.99 0.04 8.69
N ILE B 33 -31.95 0.03 7.87
CA ILE B 33 -31.52 -1.12 7.10
C ILE B 33 -30.24 -1.66 7.80
N PRO B 34 -30.28 -2.90 8.32
CA PRO B 34 -29.11 -3.43 9.05
C PRO B 34 -27.80 -3.44 8.27
N PHE B 35 -26.71 -3.14 8.97
CA PHE B 35 -25.39 -3.11 8.36
C PHE B 35 -24.29 -3.36 9.38
N PHE B 36 -23.43 -4.34 9.10
CA PHE B 36 -22.27 -4.71 9.91
C PHE B 36 -21.09 -4.14 9.15
N ARG B 37 -20.21 -3.41 9.85
CA ARG B 37 -18.98 -2.90 9.23
C ARG B 37 -18.11 -4.11 8.95
N SER B 38 -17.43 -4.13 7.80
CA SER B 38 -16.53 -5.21 7.44
C SER B 38 -15.45 -5.35 8.50
N CYS B 39 -15.02 -6.59 8.78
CA CYS B 39 -13.96 -6.89 9.76
C CYS B 39 -12.68 -6.08 9.45
N PRO B 40 -12.16 -5.30 10.42
CA PRO B 40 -10.90 -4.58 10.16
C PRO B 40 -9.70 -5.55 10.15
N ALA B 41 -8.75 -5.32 9.21
CA ALA B 41 -7.53 -6.13 9.09
C ALA B 41 -6.73 -6.08 10.38
N CYS B 42 -6.65 -4.89 10.99
CA CYS B 42 -5.94 -4.72 12.24
C CYS B 42 -6.86 -4.18 13.34
N PRO B 43 -7.54 -5.07 14.08
CA PRO B 43 -8.51 -4.60 15.09
C PRO B 43 -7.97 -3.76 16.24
N GLY B 44 -8.71 -2.70 16.58
CA GLY B 44 -8.41 -1.78 17.67
C GLY B 44 -7.32 -0.74 17.45
N SER B 45 -6.57 -0.82 16.33
CA SER B 45 -5.45 0.07 16.01
C SER B 45 -5.70 1.58 15.99
N ASN B 46 -4.77 2.30 16.62
CA ASN B 46 -4.72 3.76 16.67
C ASN B 46 -3.48 4.23 15.83
N ILE B 47 -2.94 3.33 14.96
CA ILE B 47 -1.76 3.58 14.12
C ILE B 47 -2.05 3.41 12.64
N THR B 48 -2.64 2.27 12.26
CA THR B 48 -2.88 2.00 10.83
C THR B 48 -4.21 2.55 10.38
N ILE B 49 -4.30 2.83 9.07
CA ILE B 49 -5.54 3.31 8.45
C ILE B 49 -6.41 2.07 8.15
N ARG B 50 -7.60 2.02 8.79
CA ARG B 50 -8.54 0.90 8.65
C ARG B 50 -8.58 0.32 7.24
N ASN B 51 -8.42 -1.01 7.15
CA ASN B 51 -8.46 -1.74 5.90
C ASN B 51 -9.22 -3.02 6.13
N GLN B 52 -9.73 -3.61 5.05
CA GLN B 52 -10.57 -4.78 5.10
C GLN B 52 -9.84 -6.01 4.58
N ILE B 53 -10.42 -7.21 4.87
CA ILE B 53 -9.82 -8.49 4.53
C ILE B 53 -10.50 -9.15 3.34
N ASN B 54 -9.71 -9.85 2.51
CA ASN B 54 -10.23 -10.74 1.49
C ASN B 54 -10.05 -12.16 2.07
N ALA B 55 -11.18 -12.82 2.39
CA ALA B 55 -11.18 -14.19 2.93
C ALA B 55 -10.86 -15.29 1.86
N LEU B 56 -10.73 -14.88 0.55
CA LEU B 56 -10.53 -15.78 -0.58
C LEU B 56 -9.21 -15.61 -1.31
N THR B 57 -8.89 -16.55 -2.22
CA THR B 57 -7.68 -16.42 -3.03
C THR B 57 -8.05 -15.47 -4.18
N SER B 58 -7.23 -14.42 -4.39
CA SER B 58 -7.46 -13.44 -5.45
C SER B 58 -7.43 -14.08 -6.83
N PHE B 59 -6.65 -15.16 -7.01
CA PHE B 59 -6.50 -15.86 -8.28
C PHE B 59 -7.80 -16.44 -8.78
N VAL B 60 -7.89 -16.59 -10.10
CA VAL B 60 -9.00 -17.23 -10.80
C VAL B 60 -8.54 -18.68 -10.87
N ASP B 61 -8.77 -19.41 -9.78
CA ASP B 61 -8.34 -20.80 -9.57
C ASP B 61 -9.49 -21.71 -9.14
N ALA B 62 -10.75 -21.32 -9.44
CA ALA B 62 -11.97 -22.02 -9.03
C ALA B 62 -12.04 -22.24 -7.48
N SER B 63 -11.60 -21.26 -6.68
CA SER B 63 -11.67 -21.37 -5.24
C SER B 63 -13.11 -21.43 -4.72
N MET B 64 -14.09 -21.02 -5.57
CA MET B 64 -15.51 -21.12 -5.20
C MET B 64 -15.95 -22.60 -5.22
N VAL B 65 -15.19 -23.46 -5.92
CA VAL B 65 -15.41 -24.90 -5.98
C VAL B 65 -14.64 -25.65 -4.90
N TYR B 66 -13.31 -25.39 -4.83
CA TYR B 66 -12.34 -26.06 -3.94
C TYR B 66 -12.16 -25.54 -2.53
N GLY B 67 -12.37 -24.24 -2.31
CA GLY B 67 -12.14 -23.60 -1.02
C GLY B 67 -10.82 -22.85 -0.97
N SER B 68 -10.75 -21.82 -0.11
CA SER B 68 -9.56 -20.98 0.07
C SER B 68 -8.85 -21.26 1.42
N GLU B 69 -9.37 -22.24 2.19
CA GLU B 69 -8.83 -22.67 3.47
C GLU B 69 -8.65 -24.20 3.47
N GLU B 70 -7.52 -24.72 4.01
CA GLU B 70 -7.19 -26.16 4.01
C GLU B 70 -8.25 -27.09 4.66
N PRO B 71 -8.77 -26.79 5.87
CA PRO B 71 -9.81 -27.67 6.44
C PRO B 71 -11.07 -27.78 5.58
N LEU B 72 -11.61 -26.63 5.09
CA LEU B 72 -12.79 -26.62 4.21
C LEU B 72 -12.50 -27.45 2.99
N ALA B 73 -11.36 -27.21 2.35
CA ALA B 73 -10.94 -27.96 1.17
C ALA B 73 -10.89 -29.48 1.39
N ARG B 74 -10.48 -29.96 2.60
CA ARG B 74 -10.45 -31.40 2.91
C ARG B 74 -11.89 -31.91 2.94
N ASN B 75 -12.78 -31.21 3.69
CA ASN B 75 -14.20 -31.52 3.86
C ASN B 75 -14.99 -31.55 2.56
N LEU B 76 -14.52 -30.84 1.53
CA LEU B 76 -15.20 -30.81 0.25
C LEU B 76 -14.89 -32.04 -0.59
N ARG B 77 -13.77 -32.71 -0.29
CA ARG B 77 -13.33 -33.91 -1.01
C ARG B 77 -13.98 -35.21 -0.49
N ASN B 78 -14.15 -36.18 -1.41
CA ASN B 78 -14.63 -37.54 -1.09
C ASN B 78 -13.34 -38.32 -0.73
N MET B 79 -13.17 -38.61 0.56
CA MET B 79 -12.00 -39.29 1.10
C MET B 79 -12.28 -40.77 1.42
N SER B 80 -13.42 -41.30 0.97
CA SER B 80 -13.80 -42.69 1.19
C SER B 80 -13.02 -43.63 0.27
N ASN B 81 -12.34 -43.08 -0.75
CA ASN B 81 -11.58 -43.83 -1.74
C ASN B 81 -10.44 -43.01 -2.39
N GLN B 82 -9.71 -43.63 -3.32
CA GLN B 82 -8.61 -43.04 -4.07
C GLN B 82 -9.07 -42.56 -5.47
N LEU B 83 -10.38 -42.21 -5.61
CA LEU B 83 -10.94 -41.76 -6.90
C LEU B 83 -10.73 -40.26 -7.23
N GLY B 84 -10.29 -39.47 -6.24
CA GLY B 84 -9.98 -38.04 -6.39
C GLY B 84 -11.19 -37.16 -6.67
N LEU B 85 -12.35 -37.56 -6.12
CA LEU B 85 -13.61 -36.87 -6.30
C LEU B 85 -13.97 -35.86 -5.21
N LEU B 86 -14.94 -35.00 -5.54
CA LEU B 86 -15.54 -34.06 -4.61
C LEU B 86 -16.78 -34.73 -4.00
N ALA B 87 -16.99 -34.57 -2.68
CA ALA B 87 -18.14 -35.12 -1.98
C ALA B 87 -19.41 -34.56 -2.58
N VAL B 88 -20.43 -35.41 -2.66
CA VAL B 88 -21.74 -35.01 -3.20
C VAL B 88 -22.82 -35.32 -2.16
N ASN B 89 -24.00 -34.71 -2.35
CA ASN B 89 -25.16 -34.91 -1.48
C ASN B 89 -25.51 -36.42 -1.33
N GLN B 90 -25.70 -36.87 -0.09
CA GLN B 90 -26.01 -38.26 0.21
C GLN B 90 -27.48 -38.47 0.52
N ARG B 91 -28.28 -37.39 0.46
CA ARG B 91 -29.72 -37.43 0.75
C ARG B 91 -30.54 -37.28 -0.53
N PHE B 92 -30.01 -36.52 -1.55
CA PHE B 92 -30.73 -36.24 -2.79
C PHE B 92 -29.86 -36.22 -4.04
N GLN B 93 -30.52 -36.43 -5.21
CA GLN B 93 -29.94 -36.39 -6.54
C GLN B 93 -30.87 -35.64 -7.51
N ASP B 94 -30.31 -35.09 -8.60
CA ASP B 94 -31.04 -34.39 -9.65
C ASP B 94 -31.03 -35.32 -10.86
N ASN B 95 -32.12 -36.10 -11.04
CA ASN B 95 -32.27 -37.09 -12.12
C ASN B 95 -31.03 -38.02 -12.25
N GLY B 96 -30.63 -38.59 -11.12
CA GLY B 96 -29.48 -39.48 -11.06
C GLY B 96 -28.15 -38.75 -10.95
N ARG B 97 -28.14 -37.44 -11.31
CA ARG B 97 -26.97 -36.56 -11.26
C ARG B 97 -26.77 -35.96 -9.87
N ALA B 98 -25.49 -35.70 -9.54
CA ALA B 98 -25.04 -35.20 -8.25
C ALA B 98 -25.50 -33.79 -7.90
N LEU B 99 -25.72 -33.57 -6.59
CA LEU B 99 -26.05 -32.29 -6.00
C LEU B 99 -24.94 -31.96 -4.97
N LEU B 100 -24.71 -30.66 -4.72
CA LEU B 100 -23.73 -30.20 -3.73
C LEU B 100 -24.09 -30.75 -2.34
N PRO B 101 -23.12 -31.09 -1.47
CA PRO B 101 -23.49 -31.55 -0.12
C PRO B 101 -24.18 -30.44 0.68
N PHE B 102 -24.97 -30.82 1.69
CA PHE B 102 -25.63 -29.85 2.57
C PHE B 102 -24.62 -29.37 3.62
N ASP B 103 -24.82 -28.17 4.16
CA ASP B 103 -23.93 -27.58 5.17
C ASP B 103 -24.59 -27.64 6.55
N ASN B 104 -23.82 -27.39 7.60
CA ASN B 104 -24.27 -27.48 8.98
C ASN B 104 -24.26 -26.09 9.66
N LEU B 105 -25.07 -25.16 9.12
CA LEU B 105 -25.16 -23.79 9.63
C LEU B 105 -25.96 -23.72 10.92
N HIS B 106 -25.53 -22.85 11.83
CA HIS B 106 -26.21 -22.65 13.10
C HIS B 106 -27.54 -21.90 12.86
N ASP B 107 -27.50 -20.77 12.15
CA ASP B 107 -28.66 -19.98 11.75
C ASP B 107 -28.76 -20.11 10.21
N ASP B 108 -29.27 -21.27 9.74
CA ASP B 108 -29.43 -21.57 8.30
C ASP B 108 -30.58 -20.76 7.66
N PRO B 109 -30.25 -19.83 6.73
CA PRO B 109 -31.32 -19.02 6.10
C PRO B 109 -32.16 -19.78 5.08
N CYS B 110 -31.61 -20.87 4.49
CA CYS B 110 -32.31 -21.66 3.48
C CYS B 110 -33.57 -22.35 4.00
N LEU B 111 -33.52 -22.85 5.27
CA LEU B 111 -34.66 -23.48 5.92
C LEU B 111 -35.83 -22.50 6.07
N LEU B 112 -35.55 -21.19 6.15
CA LEU B 112 -36.57 -20.15 6.30
C LEU B 112 -37.37 -19.86 5.03
N THR B 113 -36.79 -20.19 3.85
CA THR B 113 -37.39 -19.95 2.53
C THR B 113 -38.62 -20.82 2.23
N ASN B 114 -38.66 -22.00 2.83
CA ASN B 114 -39.77 -22.93 2.78
C ASN B 114 -39.61 -23.74 4.04
N ARG B 115 -40.46 -23.45 5.04
CA ARG B 115 -40.44 -24.08 6.35
C ARG B 115 -40.72 -25.60 6.30
N SER B 116 -41.76 -26.01 5.56
CA SER B 116 -42.17 -27.41 5.46
C SER B 116 -41.18 -28.31 4.74
N ALA B 117 -40.53 -27.79 3.67
CA ALA B 117 -39.55 -28.52 2.88
C ALA B 117 -38.35 -29.02 3.70
N ARG B 118 -37.83 -28.19 4.63
CA ARG B 118 -36.69 -28.51 5.52
C ARG B 118 -35.38 -28.82 4.79
N ILE B 119 -35.15 -28.09 3.68
CA ILE B 119 -33.95 -28.18 2.84
C ILE B 119 -32.90 -27.13 3.27
N PRO B 120 -31.75 -27.58 3.83
CA PRO B 120 -30.73 -26.62 4.29
C PRO B 120 -29.86 -26.06 3.16
N CYS B 121 -28.92 -25.16 3.51
CA CYS B 121 -27.96 -24.56 2.58
C CYS B 121 -26.96 -25.60 2.10
N PHE B 122 -26.45 -25.39 0.90
CA PHE B 122 -25.44 -26.21 0.30
C PHE B 122 -24.06 -25.85 0.80
N LEU B 123 -23.13 -26.80 0.71
CA LEU B 123 -21.74 -26.62 1.09
C LEU B 123 -20.86 -26.62 -0.18
N ALA B 124 -20.26 -25.47 -0.48
CA ALA B 124 -19.37 -25.32 -1.62
C ALA B 124 -18.03 -24.66 -1.17
N GLY B 125 -17.15 -24.36 -2.13
CA GLY B 125 -15.85 -23.72 -1.86
C GLY B 125 -16.01 -22.31 -1.31
N ASP B 126 -17.16 -21.70 -1.62
CA ASP B 126 -17.52 -20.37 -1.18
C ASP B 126 -18.81 -20.46 -0.41
N THR B 127 -18.92 -19.67 0.68
CA THR B 127 -20.09 -19.63 1.57
C THR B 127 -21.37 -19.09 0.94
N ARG B 128 -21.28 -18.48 -0.24
CA ARG B 128 -22.46 -17.90 -0.88
C ARG B 128 -23.20 -18.80 -1.91
N SER B 129 -22.78 -20.08 -2.07
CA SER B 129 -23.37 -21.04 -3.04
C SER B 129 -24.90 -21.10 -3.12
N SER B 130 -25.60 -21.08 -1.97
CA SER B 130 -27.07 -21.14 -1.92
C SER B 130 -27.78 -19.78 -2.01
N GLU B 131 -27.05 -18.68 -2.27
CA GLU B 131 -27.61 -17.31 -2.32
C GLU B 131 -28.77 -17.17 -3.32
N MET B 132 -28.61 -17.69 -4.56
CA MET B 132 -29.64 -17.77 -5.59
C MET B 132 -29.51 -19.09 -6.36
N PRO B 133 -30.63 -19.78 -6.70
CA PRO B 133 -30.52 -21.09 -7.36
C PRO B 133 -29.76 -21.11 -8.69
N GLU B 134 -29.70 -19.96 -9.39
CA GLU B 134 -28.89 -19.83 -10.61
C GLU B 134 -27.39 -20.00 -10.26
N LEU B 135 -26.98 -19.51 -9.08
CA LEU B 135 -25.60 -19.61 -8.61
C LEU B 135 -25.29 -21.02 -8.15
N THR B 136 -26.26 -21.64 -7.43
CA THR B 136 -26.18 -23.02 -6.93
C THR B 136 -26.00 -23.94 -8.15
N SER B 137 -26.70 -23.63 -9.26
CA SER B 137 -26.63 -24.38 -10.52
C SER B 137 -25.24 -24.39 -11.09
N MET B 138 -24.59 -23.19 -11.16
CA MET B 138 -23.21 -23.02 -11.65
C MET B 138 -22.22 -23.79 -10.77
N HIS B 139 -22.42 -23.77 -9.44
CA HIS B 139 -21.61 -24.46 -8.44
C HIS B 139 -21.77 -25.97 -8.63
N THR B 140 -23.03 -26.45 -8.80
CA THR B 140 -23.38 -27.86 -8.99
C THR B 140 -22.79 -28.35 -10.30
N LEU B 141 -22.80 -27.49 -11.33
CA LEU B 141 -22.24 -27.84 -12.62
C LEU B 141 -20.73 -28.12 -12.53
N LEU B 142 -19.94 -27.19 -11.93
CA LEU B 142 -18.50 -27.33 -11.79
C LEU B 142 -18.10 -28.50 -10.88
N LEU B 143 -18.95 -28.83 -9.88
CA LEU B 143 -18.78 -29.98 -8.98
C LEU B 143 -18.81 -31.27 -9.84
N ARG B 144 -19.81 -31.36 -10.74
CA ARG B 144 -19.96 -32.47 -11.66
C ARG B 144 -18.79 -32.50 -12.65
N GLU B 145 -18.39 -31.31 -13.17
CA GLU B 145 -17.29 -31.23 -14.12
C GLU B 145 -16.00 -31.80 -13.52
N HIS B 146 -15.69 -31.47 -12.24
CA HIS B 146 -14.50 -31.99 -11.58
C HIS B 146 -14.52 -33.54 -11.55
N ASN B 147 -15.62 -34.12 -11.02
CA ASN B 147 -15.86 -35.56 -10.89
C ASN B 147 -15.83 -36.28 -12.24
N ARG B 148 -16.37 -35.65 -13.29
CA ARG B 148 -16.36 -36.16 -14.67
C ARG B 148 -14.90 -36.29 -15.12
N LEU B 149 -14.08 -35.24 -14.87
CA LEU B 149 -12.65 -35.19 -15.24
C LEU B 149 -11.85 -36.19 -14.47
N ALA B 150 -12.05 -36.29 -13.14
CA ALA B 150 -11.31 -37.22 -12.29
C ALA B 150 -11.55 -38.69 -12.71
N THR B 151 -12.79 -39.00 -13.15
CA THR B 151 -13.21 -40.34 -13.62
C THR B 151 -12.51 -40.70 -14.95
N GLU B 152 -12.52 -39.76 -15.90
CA GLU B 152 -11.89 -39.88 -17.20
C GLU B 152 -10.38 -40.10 -16.99
N LEU B 153 -9.75 -39.33 -16.08
CA LEU B 153 -8.31 -39.43 -15.80
C LEU B 153 -7.93 -40.76 -15.18
N LYS B 154 -8.82 -41.34 -14.33
CA LYS B 154 -8.59 -42.64 -13.70
C LYS B 154 -8.56 -43.76 -14.76
N SER B 155 -9.47 -43.71 -15.76
CA SER B 155 -9.51 -44.71 -16.84
C SER B 155 -8.30 -44.60 -17.74
N LEU B 156 -7.74 -43.37 -17.86
CA LEU B 156 -6.57 -43.03 -18.66
C LEU B 156 -5.27 -43.44 -17.99
N ASN B 157 -5.15 -43.11 -16.68
CA ASN B 157 -4.01 -43.35 -15.81
C ASN B 157 -4.50 -44.09 -14.56
N PRO B 158 -4.67 -45.43 -14.65
CA PRO B 158 -5.19 -46.21 -13.51
C PRO B 158 -4.33 -46.21 -12.26
N ARG B 159 -3.00 -46.05 -12.43
CA ARG B 159 -2.07 -46.05 -11.30
C ARG B 159 -2.00 -44.70 -10.57
N TRP B 160 -2.74 -43.65 -11.04
CA TRP B 160 -2.76 -42.36 -10.35
C TRP B 160 -3.62 -42.46 -9.10
N ASP B 161 -3.11 -41.94 -7.95
CA ASP B 161 -3.84 -41.94 -6.68
C ASP B 161 -4.84 -40.74 -6.56
N GLY B 162 -5.73 -40.81 -5.56
CA GLY B 162 -6.76 -39.81 -5.29
C GLY B 162 -6.26 -38.38 -5.34
N GLU B 163 -5.13 -38.09 -4.65
CA GLU B 163 -4.51 -36.75 -4.62
C GLU B 163 -4.19 -36.27 -6.03
N ARG B 164 -3.49 -37.10 -6.81
CA ARG B 164 -3.10 -36.80 -8.18
C ARG B 164 -4.31 -36.56 -9.08
N LEU B 165 -5.36 -37.39 -8.91
CA LEU B 165 -6.61 -37.30 -9.66
C LEU B 165 -7.32 -35.99 -9.30
N TYR B 166 -7.41 -35.70 -7.99
CA TYR B 166 -8.01 -34.49 -7.45
C TYR B 166 -7.31 -33.26 -8.01
N GLN B 167 -5.97 -33.25 -7.90
CA GLN B 167 -5.13 -32.16 -8.35
C GLN B 167 -5.27 -31.87 -9.81
N GLU B 168 -5.02 -32.90 -10.66
CA GLU B 168 -5.09 -32.76 -12.12
C GLU B 168 -6.44 -32.24 -12.63
N ALA B 169 -7.55 -32.73 -12.04
CA ALA B 169 -8.91 -32.27 -12.39
C ALA B 169 -9.13 -30.81 -11.92
N ARG B 170 -8.61 -30.45 -10.73
CA ARG B 170 -8.67 -29.08 -10.18
C ARG B 170 -7.93 -28.09 -11.10
N LYS B 171 -6.76 -28.51 -11.58
CA LYS B 171 -5.92 -27.77 -12.50
C LYS B 171 -6.66 -27.50 -13.83
N ILE B 172 -7.44 -28.49 -14.34
CA ILE B 172 -8.24 -28.35 -15.56
C ILE B 172 -9.41 -27.37 -15.31
N VAL B 173 -10.17 -27.60 -14.22
CA VAL B 173 -11.30 -26.74 -13.83
C VAL B 173 -10.89 -25.26 -13.71
N GLY B 174 -9.73 -24.99 -13.08
CA GLY B 174 -9.18 -23.66 -12.93
C GLY B 174 -8.90 -22.98 -14.26
N ALA B 175 -8.23 -23.71 -15.18
CA ALA B 175 -7.94 -23.24 -16.54
C ALA B 175 -9.24 -22.98 -17.33
N MET B 176 -10.28 -23.86 -17.16
CA MET B 176 -11.57 -23.69 -17.80
C MET B 176 -12.22 -22.37 -17.37
N VAL B 177 -12.16 -22.06 -16.05
CA VAL B 177 -12.69 -20.82 -15.48
C VAL B 177 -11.92 -19.60 -16.05
N GLN B 178 -10.59 -19.74 -16.19
CA GLN B 178 -9.71 -18.70 -16.74
C GLN B 178 -10.04 -18.41 -18.20
N ILE B 179 -10.14 -19.49 -19.03
CA ILE B 179 -10.47 -19.46 -20.46
C ILE B 179 -11.84 -18.77 -20.70
N ILE B 180 -12.90 -19.25 -20.02
CA ILE B 180 -14.24 -18.67 -20.14
C ILE B 180 -14.24 -17.18 -19.78
N THR B 181 -13.51 -16.83 -18.69
CA THR B 181 -13.46 -15.45 -18.20
C THR B 181 -12.76 -14.53 -19.19
N TYR B 182 -11.56 -14.92 -19.59
CA TYR B 182 -10.73 -14.08 -20.45
C TYR B 182 -11.03 -14.11 -21.93
N ARG B 183 -11.53 -15.25 -22.43
CA ARG B 183 -11.86 -15.36 -23.83
C ARG B 183 -13.28 -14.89 -24.12
N ASP B 184 -14.22 -15.30 -23.27
CA ASP B 184 -15.66 -15.08 -23.51
C ASP B 184 -16.34 -13.99 -22.68
N TYR B 185 -16.03 -13.93 -21.37
CA TYR B 185 -16.72 -13.02 -20.47
C TYR B 185 -16.23 -11.59 -20.55
N LEU B 186 -14.96 -11.35 -20.13
CA LEU B 186 -14.30 -10.03 -20.10
C LEU B 186 -14.44 -9.17 -21.37
N PRO B 187 -14.23 -9.69 -22.61
CA PRO B 187 -14.40 -8.83 -23.80
C PRO B 187 -15.79 -8.20 -23.93
N LEU B 188 -16.82 -8.90 -23.45
CA LEU B 188 -18.22 -8.45 -23.48
C LEU B 188 -18.55 -7.49 -22.31
N VAL B 189 -17.71 -7.48 -21.27
CA VAL B 189 -17.87 -6.57 -20.13
C VAL B 189 -17.26 -5.24 -20.54
N LEU B 190 -16.02 -5.28 -21.08
CA LEU B 190 -15.24 -4.11 -21.43
C LEU B 190 -15.46 -3.47 -22.80
N GLY B 191 -15.71 -4.29 -23.81
CA GLY B 191 -15.83 -3.80 -25.18
C GLY B 191 -14.45 -3.89 -25.83
N PRO B 192 -14.35 -3.84 -27.18
CA PRO B 192 -13.03 -4.00 -27.83
C PRO B 192 -11.89 -3.07 -27.42
N THR B 193 -12.13 -1.75 -27.31
CA THR B 193 -11.07 -0.79 -26.99
C THR B 193 -10.46 -0.96 -25.59
N ALA B 194 -11.33 -1.09 -24.55
CA ALA B 194 -10.90 -1.29 -23.15
C ALA B 194 -10.19 -2.63 -23.01
N MET B 195 -10.56 -3.59 -23.86
CA MET B 195 -9.96 -4.91 -23.87
C MET B 195 -8.52 -4.80 -24.39
N ARG B 196 -8.29 -4.01 -25.46
CA ARG B 196 -6.95 -3.79 -26.01
C ARG B 196 -6.12 -2.97 -25.02
N LYS B 197 -6.70 -1.89 -24.48
CA LYS B 197 -6.05 -1.00 -23.51
C LYS B 197 -5.61 -1.73 -22.24
N TYR B 198 -6.57 -2.35 -21.51
CA TYR B 198 -6.30 -3.03 -20.24
C TYR B 198 -5.86 -4.49 -20.29
N LEU B 199 -6.29 -5.24 -21.32
CA LEU B 199 -5.89 -6.64 -21.41
C LEU B 199 -5.17 -6.98 -22.72
N PRO B 200 -3.98 -6.35 -23.01
CA PRO B 200 -3.25 -6.72 -24.23
C PRO B 200 -2.82 -8.18 -24.20
N THR B 201 -2.57 -8.75 -25.37
CA THR B 201 -2.17 -10.16 -25.52
C THR B 201 -1.18 -10.62 -24.42
N TYR B 202 -1.52 -11.74 -23.75
CA TYR B 202 -0.64 -12.33 -22.74
C TYR B 202 0.72 -12.66 -23.35
N ARG B 203 1.81 -12.37 -22.61
CA ARG B 203 3.17 -12.67 -23.02
C ARG B 203 3.70 -13.77 -22.09
N SER B 204 3.90 -13.44 -20.80
CA SER B 204 4.37 -14.38 -19.78
C SER B 204 4.10 -13.90 -18.35
N TYR B 205 4.30 -14.81 -17.38
CA TYR B 205 4.18 -14.50 -15.96
C TYR B 205 5.22 -13.43 -15.60
N ASN B 206 4.78 -12.42 -14.83
CA ASN B 206 5.59 -11.34 -14.31
C ASN B 206 5.51 -11.38 -12.78
N ASP B 207 6.62 -11.76 -12.12
CA ASP B 207 6.65 -11.88 -10.66
C ASP B 207 6.55 -10.54 -9.87
N SER B 208 6.64 -9.41 -10.58
CA SER B 208 6.57 -8.07 -10.03
C SER B 208 5.16 -7.48 -10.17
N VAL B 209 4.17 -8.31 -10.57
CA VAL B 209 2.78 -7.86 -10.72
C VAL B 209 1.99 -8.27 -9.48
N ASP B 210 1.49 -7.28 -8.72
CA ASP B 210 0.74 -7.55 -7.50
C ASP B 210 -0.61 -8.20 -7.86
N PRO B 211 -0.80 -9.50 -7.49
CA PRO B 211 -2.04 -10.20 -7.85
C PRO B 211 -3.21 -9.96 -6.90
N ARG B 212 -3.06 -9.11 -5.86
CA ARG B 212 -4.14 -8.87 -4.88
C ARG B 212 -5.35 -8.13 -5.44
N ILE B 213 -6.50 -8.33 -4.78
CA ILE B 213 -7.73 -7.63 -5.11
C ILE B 213 -7.61 -6.26 -4.44
N ALA B 214 -7.87 -5.20 -5.20
CA ALA B 214 -7.88 -3.85 -4.65
C ALA B 214 -9.20 -3.70 -3.89
N ASN B 215 -9.17 -2.91 -2.83
CA ASN B 215 -10.37 -2.63 -2.05
C ASN B 215 -11.49 -2.09 -2.98
N VAL B 216 -11.17 -1.11 -3.87
CA VAL B 216 -12.13 -0.53 -4.85
C VAL B 216 -12.87 -1.60 -5.71
N PHE B 217 -12.15 -2.63 -6.18
CA PHE B 217 -12.70 -3.71 -7.00
C PHE B 217 -13.93 -4.38 -6.37
N THR B 218 -13.91 -4.62 -5.03
CA THR B 218 -15.02 -5.26 -4.29
C THR B 218 -16.32 -4.52 -4.49
N ASN B 219 -16.20 -3.21 -4.76
CA ASN B 219 -17.35 -2.35 -4.99
C ASN B 219 -17.60 -2.17 -6.47
N ALA B 220 -16.55 -1.89 -7.24
CA ALA B 220 -16.66 -1.66 -8.68
C ALA B 220 -17.26 -2.89 -9.42
N PHE B 221 -16.81 -4.10 -9.08
CA PHE B 221 -17.33 -5.32 -9.70
C PHE B 221 -18.82 -5.59 -9.40
N ARG B 222 -19.43 -4.79 -8.53
CA ARG B 222 -20.85 -4.91 -8.23
C ARG B 222 -21.68 -4.25 -9.35
N TYR B 223 -21.05 -3.87 -10.50
CA TYR B 223 -21.73 -3.30 -11.66
C TYR B 223 -22.77 -4.35 -12.12
N GLY B 224 -22.47 -5.64 -11.84
CA GLY B 224 -23.30 -6.78 -12.19
C GLY B 224 -24.72 -6.69 -11.66
N HIS B 225 -24.93 -5.91 -10.57
CA HIS B 225 -26.23 -5.69 -9.96
C HIS B 225 -27.21 -5.04 -10.92
N THR B 226 -26.70 -4.28 -11.87
CA THR B 226 -27.47 -3.63 -12.91
C THR B 226 -27.94 -4.62 -14.04
N LEU B 227 -27.42 -5.87 -14.05
CA LEU B 227 -27.76 -6.95 -15.02
C LEU B 227 -28.84 -7.90 -14.47
N ILE B 228 -29.10 -7.87 -13.16
CA ILE B 228 -30.06 -8.73 -12.47
C ILE B 228 -31.50 -8.51 -12.96
N GLN B 229 -32.14 -9.63 -13.37
CA GLN B 229 -33.54 -9.71 -13.82
C GLN B 229 -34.41 -9.94 -12.56
N PRO B 230 -35.66 -9.40 -12.53
CA PRO B 230 -36.49 -9.57 -11.33
C PRO B 230 -37.07 -10.96 -11.13
N PHE B 231 -36.80 -11.88 -12.06
CA PHE B 231 -37.33 -13.24 -11.92
C PHE B 231 -36.25 -14.30 -12.08
N MET B 232 -36.59 -15.51 -11.63
CA MET B 232 -35.80 -16.69 -11.91
C MET B 232 -36.64 -17.41 -12.98
N PHE B 233 -36.08 -17.55 -14.17
CA PHE B 233 -36.73 -18.19 -15.30
C PHE B 233 -36.32 -19.65 -15.40
N ARG B 234 -37.32 -20.53 -15.46
CA ARG B 234 -37.09 -21.95 -15.66
C ARG B 234 -37.74 -22.39 -17.01
N LEU B 235 -37.03 -23.25 -17.78
CA LEU B 235 -37.49 -23.75 -19.08
C LEU B 235 -37.41 -25.28 -19.15
N ASP B 236 -38.44 -25.92 -19.75
CA ASP B 236 -38.52 -27.38 -19.94
C ASP B 236 -37.62 -27.88 -21.09
N ASN B 237 -37.62 -29.23 -21.31
CA ASN B 237 -36.89 -29.93 -22.38
C ASN B 237 -36.94 -29.20 -23.74
N ARG B 238 -38.11 -28.63 -24.09
CA ARG B 238 -38.35 -27.94 -25.37
C ARG B 238 -38.16 -26.40 -25.31
N TYR B 239 -37.38 -25.90 -24.31
CA TYR B 239 -37.09 -24.47 -24.06
C TYR B 239 -38.35 -23.59 -23.97
N GLN B 240 -39.38 -24.15 -23.32
CA GLN B 240 -40.66 -23.49 -23.13
C GLN B 240 -40.89 -23.27 -21.65
N PRO B 241 -41.66 -22.22 -21.25
CA PRO B 241 -41.93 -21.98 -19.82
C PRO B 241 -42.37 -23.23 -19.06
N MET B 242 -41.65 -23.55 -17.98
CA MET B 242 -41.95 -24.71 -17.14
C MET B 242 -43.06 -24.35 -16.13
N GLU B 243 -44.28 -24.90 -16.34
CA GLU B 243 -45.41 -24.66 -15.44
C GLU B 243 -45.45 -25.76 -14.37
N PRO B 244 -45.84 -25.46 -13.11
CA PRO B 244 -46.17 -24.13 -12.56
C PRO B 244 -44.91 -23.39 -12.09
N ASN B 245 -45.00 -22.06 -12.00
CA ASN B 245 -43.90 -21.17 -11.58
C ASN B 245 -42.75 -21.02 -12.62
N PRO B 246 -43.03 -20.66 -13.91
CA PRO B 246 -41.91 -20.44 -14.87
C PRO B 246 -41.15 -19.12 -14.66
N ARG B 247 -41.76 -18.16 -13.95
CA ARG B 247 -41.24 -16.81 -13.71
C ARG B 247 -41.35 -16.44 -12.22
N VAL B 248 -40.70 -17.21 -11.34
CA VAL B 248 -40.72 -16.98 -9.88
C VAL B 248 -39.99 -15.64 -9.49
N PRO B 249 -40.63 -14.75 -8.68
CA PRO B 249 -39.95 -13.48 -8.27
C PRO B 249 -38.64 -13.70 -7.54
N LEU B 250 -37.67 -12.77 -7.76
CA LEU B 250 -36.33 -12.85 -7.15
C LEU B 250 -36.32 -12.84 -5.62
N SER B 251 -37.33 -12.16 -4.99
CA SER B 251 -37.52 -12.10 -3.54
C SER B 251 -38.17 -13.36 -2.94
N ARG B 252 -38.28 -14.44 -3.74
CA ARG B 252 -38.80 -15.74 -3.32
C ARG B 252 -37.81 -16.87 -3.68
N VAL B 253 -36.63 -16.52 -4.26
CA VAL B 253 -35.58 -17.45 -4.66
C VAL B 253 -34.29 -17.32 -3.81
N PHE B 254 -34.08 -16.17 -3.15
CA PHE B 254 -32.89 -15.97 -2.31
C PHE B 254 -32.85 -17.04 -1.24
N PHE B 255 -31.75 -17.81 -1.25
CA PHE B 255 -31.49 -18.90 -0.31
C PHE B 255 -32.46 -20.07 -0.44
N ALA B 256 -33.29 -20.09 -1.50
CA ALA B 256 -34.28 -21.14 -1.71
C ALA B 256 -33.64 -22.41 -2.32
N SER B 257 -32.79 -23.07 -1.50
CA SER B 257 -32.06 -24.29 -1.87
C SER B 257 -33.04 -25.41 -2.22
N TRP B 258 -34.23 -25.40 -1.58
CA TRP B 258 -35.32 -26.36 -1.79
C TRP B 258 -35.78 -26.34 -3.25
N ARG B 259 -35.75 -25.15 -3.90
CA ARG B 259 -36.15 -25.00 -5.30
C ARG B 259 -35.27 -25.85 -6.24
N VAL B 260 -33.97 -26.02 -5.91
CA VAL B 260 -33.05 -26.90 -6.66
C VAL B 260 -33.41 -28.40 -6.41
N VAL B 261 -33.49 -28.78 -5.13
CA VAL B 261 -33.80 -30.12 -4.61
C VAL B 261 -35.22 -30.63 -5.00
N LEU B 262 -36.28 -29.81 -4.73
CA LEU B 262 -37.70 -30.14 -4.94
C LEU B 262 -38.46 -29.58 -6.19
N GLU B 263 -37.79 -28.78 -7.04
CA GLU B 263 -38.48 -28.21 -8.19
C GLU B 263 -37.77 -28.40 -9.54
N GLY B 264 -37.20 -29.57 -9.73
CA GLY B 264 -36.64 -29.94 -11.01
C GLY B 264 -35.16 -29.89 -11.23
N GLY B 265 -34.39 -29.56 -10.19
CA GLY B 265 -32.93 -29.52 -10.29
C GLY B 265 -32.38 -28.38 -11.13
N ILE B 266 -31.13 -28.58 -11.63
CA ILE B 266 -30.38 -27.53 -12.31
C ILE B 266 -30.71 -27.23 -13.79
N ASP B 267 -31.16 -28.26 -14.56
CA ASP B 267 -31.49 -28.15 -16.00
C ASP B 267 -32.45 -26.99 -16.36
N PRO B 268 -33.62 -26.85 -15.68
CA PRO B 268 -34.54 -25.75 -16.04
C PRO B 268 -33.94 -24.37 -15.80
N ILE B 269 -33.11 -24.25 -14.72
CA ILE B 269 -32.40 -23.02 -14.33
C ILE B 269 -31.32 -22.67 -15.39
N LEU B 270 -30.48 -23.64 -15.76
CA LEU B 270 -29.44 -23.42 -16.77
C LEU B 270 -30.00 -23.03 -18.14
N ARG B 271 -31.15 -23.65 -18.54
CA ARG B 271 -31.91 -23.38 -19.77
C ARG B 271 -32.44 -21.93 -19.73
N GLY B 272 -32.95 -21.54 -18.55
CA GLY B 272 -33.45 -20.20 -18.29
C GLY B 272 -32.34 -19.18 -18.43
N LEU B 273 -31.13 -19.50 -17.89
CA LEU B 273 -29.96 -18.63 -17.94
C LEU B 273 -29.46 -18.41 -19.38
N MET B 274 -29.49 -19.48 -20.18
CA MET B 274 -29.06 -19.47 -21.58
C MET B 274 -30.04 -18.75 -22.52
N ALA B 275 -31.35 -19.02 -22.38
CA ALA B 275 -32.36 -18.50 -23.29
C ALA B 275 -33.17 -17.29 -22.84
N THR B 276 -32.71 -16.59 -21.81
CA THR B 276 -33.38 -15.37 -21.34
C THR B 276 -32.36 -14.25 -21.46
N PRO B 277 -32.77 -13.04 -21.92
CA PRO B 277 -31.80 -11.93 -21.97
C PRO B 277 -31.42 -11.44 -20.56
N ALA B 278 -30.28 -10.77 -20.44
CA ALA B 278 -29.93 -10.18 -19.14
C ALA B 278 -30.71 -8.85 -19.09
N LYS B 279 -30.67 -8.14 -17.96
CA LYS B 279 -31.31 -6.82 -17.88
C LYS B 279 -30.26 -5.89 -18.42
N LEU B 280 -30.66 -4.85 -19.11
CA LEU B 280 -29.73 -3.87 -19.64
C LEU B 280 -29.64 -2.70 -18.66
N ASN B 281 -28.41 -2.21 -18.40
CA ASN B 281 -28.23 -1.04 -17.56
C ASN B 281 -28.56 0.18 -18.41
N ARG B 282 -29.50 0.96 -17.91
CA ARG B 282 -29.92 2.23 -18.49
C ARG B 282 -29.86 3.24 -17.38
N GLN B 283 -29.57 4.50 -17.73
CA GLN B 283 -29.38 5.55 -16.74
C GLN B 283 -30.63 5.85 -15.92
N ASN B 284 -31.82 5.51 -16.45
CA ASN B 284 -33.11 5.73 -15.77
C ASN B 284 -33.70 4.40 -15.30
N GLN B 285 -32.93 3.32 -15.51
CA GLN B 285 -33.31 1.96 -15.13
C GLN B 285 -32.06 1.27 -14.60
N ILE B 286 -31.57 1.71 -13.43
CA ILE B 286 -30.31 1.19 -12.88
C ILE B 286 -30.38 -0.24 -12.30
N ALA B 287 -31.17 -0.46 -11.25
CA ALA B 287 -31.33 -1.79 -10.66
C ALA B 287 -32.78 -2.02 -10.19
N VAL B 288 -33.23 -3.28 -10.27
CA VAL B 288 -34.60 -3.70 -9.95
C VAL B 288 -34.94 -3.66 -8.46
N ASP B 289 -36.24 -3.46 -8.16
CA ASP B 289 -36.77 -3.43 -6.82
C ASP B 289 -36.70 -4.75 -6.05
N GLU B 290 -36.55 -5.88 -6.75
CA GLU B 290 -36.43 -7.18 -6.09
C GLU B 290 -35.11 -7.20 -5.28
N ILE B 291 -34.14 -6.34 -5.66
CA ILE B 291 -32.86 -6.20 -4.99
C ILE B 291 -32.77 -4.88 -4.21
N ARG B 292 -33.48 -3.85 -4.69
CA ARG B 292 -33.51 -2.51 -4.08
C ARG B 292 -34.51 -2.41 -2.93
N GLU B 293 -35.52 -3.30 -2.88
CA GLU B 293 -36.57 -3.25 -1.85
C GLU B 293 -36.77 -4.57 -1.13
N ARG B 294 -36.53 -5.69 -1.82
CA ARG B 294 -36.87 -6.98 -1.24
C ARG B 294 -35.73 -7.95 -1.07
N LEU B 295 -34.45 -7.48 -1.09
CA LEU B 295 -33.28 -8.35 -0.92
C LEU B 295 -33.35 -9.02 0.45
N PHE B 296 -33.39 -10.36 0.41
CA PHE B 296 -33.43 -11.27 1.57
C PHE B 296 -34.67 -11.09 2.43
N GLU B 297 -35.79 -10.61 1.81
CA GLU B 297 -37.10 -10.33 2.41
C GLU B 297 -37.63 -11.45 3.32
N GLN B 298 -37.59 -12.69 2.84
CA GLN B 298 -38.11 -13.84 3.59
C GLN B 298 -37.21 -14.49 4.67
N VAL B 299 -35.96 -14.01 4.84
CA VAL B 299 -35.02 -14.60 5.81
C VAL B 299 -34.58 -13.56 6.82
N MET B 300 -35.26 -12.43 6.84
CA MET B 300 -34.84 -11.33 7.67
C MET B 300 -35.99 -10.57 8.24
N ARG B 301 -35.70 -9.65 9.15
CA ARG B 301 -36.72 -8.80 9.72
C ARG B 301 -37.26 -7.73 8.72
N ILE B 302 -36.45 -7.39 7.70
CA ILE B 302 -36.73 -6.34 6.74
C ILE B 302 -35.95 -6.64 5.47
N GLY B 303 -36.53 -6.31 4.32
CA GLY B 303 -35.91 -6.52 3.03
C GLY B 303 -34.85 -5.47 2.85
N LEU B 304 -33.65 -5.89 2.43
CA LEU B 304 -32.52 -4.99 2.25
C LEU B 304 -32.59 -4.26 0.92
N ASP B 305 -31.76 -3.23 0.76
CA ASP B 305 -31.61 -2.40 -0.44
C ASP B 305 -30.16 -2.60 -0.88
N LEU B 306 -29.93 -3.46 -1.89
CA LEU B 306 -28.58 -3.80 -2.35
C LEU B 306 -27.75 -2.60 -2.83
N PRO B 307 -28.27 -1.72 -3.74
CA PRO B 307 -27.49 -0.54 -4.18
C PRO B 307 -27.11 0.38 -3.03
N ALA B 308 -28.02 0.56 -2.05
CA ALA B 308 -27.74 1.37 -0.85
C ALA B 308 -26.60 0.69 -0.03
N LEU B 309 -26.64 -0.67 0.09
CA LEU B 309 -25.60 -1.38 0.80
C LEU B 309 -24.26 -1.15 0.12
N ASN B 310 -24.24 -1.19 -1.22
CA ASN B 310 -23.06 -0.97 -2.05
C ASN B 310 -22.39 0.38 -1.69
N MET B 311 -23.19 1.47 -1.61
CA MET B 311 -22.73 2.83 -1.29
C MET B 311 -22.34 2.98 0.18
N GLN B 312 -23.08 2.33 1.10
CA GLN B 312 -22.72 2.34 2.52
C GLN B 312 -21.39 1.58 2.70
N ARG B 313 -21.23 0.43 1.99
CA ARG B 313 -20.03 -0.43 2.04
C ARG B 313 -18.82 0.31 1.59
N SER B 314 -18.93 1.11 0.50
CA SER B 314 -17.82 1.90 0.02
C SER B 314 -17.40 2.95 1.08
N ARG B 315 -18.36 3.50 1.85
CA ARG B 315 -18.06 4.47 2.91
C ARG B 315 -17.38 3.75 4.08
N ASP B 316 -17.88 2.54 4.47
CA ASP B 316 -17.32 1.69 5.52
C ASP B 316 -15.85 1.38 5.14
N HIS B 317 -15.59 1.13 3.85
CA HIS B 317 -14.28 0.79 3.31
C HIS B 317 -13.36 1.99 3.13
N GLY B 318 -13.91 3.19 3.35
CA GLY B 318 -13.19 4.45 3.20
C GLY B 318 -12.75 4.70 1.78
N LEU B 319 -13.58 4.31 0.79
CA LEU B 319 -13.19 4.51 -0.59
C LEU B 319 -13.34 5.97 -1.01
N PRO B 320 -12.30 6.57 -1.65
CA PRO B 320 -12.48 7.93 -2.21
C PRO B 320 -13.68 8.00 -3.18
N GLY B 321 -14.23 9.19 -3.36
CA GLY B 321 -15.36 9.40 -4.27
C GLY B 321 -15.00 9.33 -5.75
N TYR B 322 -16.05 9.50 -6.59
CA TYR B 322 -16.01 9.46 -8.05
C TYR B 322 -14.80 10.15 -8.70
N ASN B 323 -14.64 11.48 -8.48
CA ASN B 323 -13.53 12.25 -9.08
C ASN B 323 -12.15 11.71 -8.77
N ALA B 324 -11.87 11.31 -7.51
CA ALA B 324 -10.57 10.73 -7.16
C ALA B 324 -10.33 9.43 -7.97
N TRP B 325 -11.38 8.65 -8.25
CA TRP B 325 -11.20 7.46 -9.07
C TRP B 325 -11.01 7.81 -10.56
N ARG B 326 -11.69 8.87 -11.02
CA ARG B 326 -11.59 9.39 -12.38
C ARG B 326 -10.14 9.86 -12.62
N ARG B 327 -9.59 10.63 -11.65
CA ARG B 327 -8.22 11.15 -11.58
C ARG B 327 -7.17 10.00 -11.56
N PHE B 328 -7.46 8.91 -10.82
CA PHE B 328 -6.59 7.74 -10.73
C PHE B 328 -6.53 7.05 -12.09
N CYS B 329 -7.67 6.97 -12.81
CA CYS B 329 -7.82 6.32 -14.12
C CYS B 329 -7.30 7.17 -15.29
N GLY B 330 -7.02 8.45 -15.05
CA GLY B 330 -6.54 9.40 -16.05
C GLY B 330 -7.68 9.97 -16.86
N LEU B 331 -8.86 10.12 -16.21
CA LEU B 331 -10.06 10.64 -16.85
C LEU B 331 -10.39 12.04 -16.33
N PRO B 332 -11.01 12.93 -17.15
CA PRO B 332 -11.39 14.25 -16.63
C PRO B 332 -12.33 14.14 -15.41
N GLN B 333 -12.18 15.10 -14.47
CA GLN B 333 -12.96 15.15 -13.25
C GLN B 333 -13.90 16.31 -13.33
N PRO B 334 -15.20 16.07 -13.68
CA PRO B 334 -16.16 17.19 -13.77
C PRO B 334 -16.38 17.82 -12.40
N GLU B 335 -16.55 19.13 -12.36
CA GLU B 335 -16.79 19.83 -11.10
C GLU B 335 -18.22 20.44 -10.99
N THR B 336 -18.89 20.70 -12.15
CA THR B 336 -20.23 21.28 -12.25
C THR B 336 -21.25 20.31 -12.87
N VAL B 337 -22.54 20.69 -12.74
CA VAL B 337 -23.67 19.95 -13.27
C VAL B 337 -23.56 19.79 -14.79
N GLY B 338 -23.20 20.89 -15.49
CA GLY B 338 -23.03 20.91 -16.93
C GLY B 338 -21.94 19.95 -17.36
N GLN B 339 -20.75 20.04 -16.69
CA GLN B 339 -19.59 19.20 -16.96
C GLN B 339 -19.93 17.72 -16.74
N LEU B 340 -20.63 17.41 -15.64
CA LEU B 340 -21.05 16.05 -15.30
C LEU B 340 -22.07 15.53 -16.34
N GLY B 341 -22.99 16.42 -16.75
CA GLY B 341 -23.93 16.14 -17.82
C GLY B 341 -23.21 15.69 -19.08
N THR B 342 -22.10 16.36 -19.43
CA THR B 342 -21.24 16.02 -20.57
C THR B 342 -20.60 14.64 -20.36
N VAL B 343 -20.01 14.39 -19.18
CA VAL B 343 -19.34 13.12 -18.87
C VAL B 343 -20.36 11.94 -18.98
N LEU B 344 -21.54 12.12 -18.39
CA LEU B 344 -22.59 11.11 -18.39
C LEU B 344 -23.44 11.09 -19.68
N ARG B 345 -23.27 12.11 -20.58
CA ARG B 345 -24.06 12.30 -21.81
C ARG B 345 -25.55 12.34 -21.40
N ASN B 346 -25.82 12.91 -20.20
CA ASN B 346 -27.14 12.95 -19.60
C ASN B 346 -27.18 13.98 -18.46
N LEU B 347 -27.78 15.16 -18.76
CA LEU B 347 -27.94 16.26 -17.84
C LEU B 347 -28.95 15.94 -16.75
N LYS B 348 -30.04 15.24 -17.12
CA LYS B 348 -31.09 14.83 -16.17
C LYS B 348 -30.48 14.04 -15.01
N LEU B 349 -29.69 13.01 -15.35
CA LEU B 349 -28.97 12.19 -14.35
C LEU B 349 -27.97 13.06 -13.53
N ALA B 350 -27.18 13.91 -14.21
CA ALA B 350 -26.24 14.82 -13.57
C ALA B 350 -26.92 15.71 -12.51
N ARG B 351 -28.14 16.21 -12.82
CA ARG B 351 -28.89 17.08 -11.90
C ARG B 351 -29.30 16.28 -10.64
N LYS B 352 -29.81 15.04 -10.85
CA LYS B 352 -30.23 14.15 -9.78
C LYS B 352 -29.01 13.85 -8.89
N LEU B 353 -27.85 13.52 -9.53
CA LEU B 353 -26.60 13.25 -8.80
C LEU B 353 -26.10 14.48 -8.05
N MET B 354 -26.26 15.69 -8.62
CA MET B 354 -25.82 16.91 -7.95
C MET B 354 -26.71 17.20 -6.75
N GLU B 355 -28.01 16.94 -6.87
CA GLU B 355 -28.99 17.15 -5.79
C GLU B 355 -28.65 16.30 -4.57
N GLN B 356 -28.26 15.04 -4.81
CA GLN B 356 -27.85 14.13 -3.77
C GLN B 356 -26.50 14.49 -3.15
N TYR B 357 -25.45 14.66 -3.98
CA TYR B 357 -24.06 14.83 -3.50
C TYR B 357 -23.47 16.21 -3.39
N GLY B 358 -24.01 17.18 -4.13
CA GLY B 358 -23.52 18.54 -4.14
C GLY B 358 -22.31 18.76 -5.00
N THR B 359 -21.47 17.73 -5.15
CA THR B 359 -20.24 17.77 -5.92
C THR B 359 -19.93 16.42 -6.49
N PRO B 360 -19.42 16.35 -7.74
CA PRO B 360 -19.02 15.04 -8.27
C PRO B 360 -17.93 14.34 -7.42
N ASN B 361 -17.23 15.07 -6.55
CA ASN B 361 -16.17 14.50 -5.68
C ASN B 361 -16.74 13.51 -4.70
N ASN B 362 -17.97 13.78 -4.24
CA ASN B 362 -18.66 12.97 -3.26
C ASN B 362 -19.46 11.81 -3.80
N ILE B 363 -19.64 11.68 -5.13
CA ILE B 363 -20.39 10.54 -5.68
C ILE B 363 -19.70 9.21 -5.31
N ASP B 364 -20.44 8.32 -4.64
CA ASP B 364 -19.94 7.00 -4.27
C ASP B 364 -19.60 6.20 -5.55
N ILE B 365 -18.42 5.54 -5.54
CA ILE B 365 -17.84 4.79 -6.65
C ILE B 365 -18.82 3.95 -7.47
N TRP B 366 -19.61 3.06 -6.82
CA TRP B 366 -20.59 2.21 -7.49
C TRP B 366 -21.58 3.08 -8.29
N MET B 367 -22.21 4.08 -7.60
CA MET B 367 -23.17 5.00 -8.18
C MET B 367 -22.62 5.80 -9.37
N GLY B 368 -21.40 6.32 -9.24
CA GLY B 368 -20.74 7.08 -10.31
C GLY B 368 -20.44 6.17 -11.47
N GLY B 369 -19.84 5.03 -11.14
CA GLY B 369 -19.47 4.00 -12.10
C GLY B 369 -20.62 3.48 -12.95
N VAL B 370 -21.72 3.04 -12.30
CA VAL B 370 -22.89 2.49 -13.00
C VAL B 370 -23.69 3.54 -13.78
N SER B 371 -23.48 4.84 -13.48
CA SER B 371 -24.15 5.99 -14.10
C SER B 371 -23.57 6.31 -15.46
N GLU B 372 -22.28 6.02 -15.68
CA GLU B 372 -21.57 6.34 -16.93
C GLU B 372 -22.14 5.59 -18.12
N PRO B 373 -22.27 6.28 -19.29
CA PRO B 373 -22.73 5.60 -20.51
C PRO B 373 -21.78 4.46 -20.87
N LEU B 374 -22.36 3.34 -21.32
CA LEU B 374 -21.62 2.11 -21.65
C LEU B 374 -20.71 2.28 -22.85
N LYS B 375 -19.58 1.61 -22.82
CA LYS B 375 -18.61 1.64 -23.91
C LYS B 375 -19.15 0.79 -25.06
N ARG B 376 -18.80 1.14 -26.31
CA ARG B 376 -19.22 0.40 -27.51
C ARG B 376 -18.91 -1.09 -27.34
N LYS B 377 -19.95 -1.94 -27.48
CA LYS B 377 -19.94 -3.42 -27.37
C LYS B 377 -19.53 -3.97 -25.99
N GLY B 378 -19.60 -3.11 -24.97
CA GLY B 378 -19.31 -3.46 -23.58
C GLY B 378 -20.49 -3.15 -22.69
N ARG B 379 -20.39 -3.52 -21.41
CA ARG B 379 -21.46 -3.28 -20.45
C ARG B 379 -21.05 -2.44 -19.21
N VAL B 380 -19.91 -1.71 -19.32
CA VAL B 380 -19.42 -0.75 -18.30
C VAL B 380 -18.96 0.53 -18.99
N GLY B 381 -18.88 1.62 -18.23
CA GLY B 381 -18.39 2.91 -18.72
C GLY B 381 -16.87 2.98 -18.59
N PRO B 382 -16.22 4.11 -19.00
CA PRO B 382 -14.75 4.19 -18.89
C PRO B 382 -14.11 3.98 -17.51
N LEU B 383 -14.75 4.48 -16.42
CA LEU B 383 -14.23 4.33 -15.05
C LEU B 383 -14.18 2.87 -14.59
N LEU B 384 -15.32 2.16 -14.66
CA LEU B 384 -15.39 0.76 -14.28
C LEU B 384 -14.55 -0.10 -15.23
N ALA B 385 -14.45 0.30 -16.52
CA ALA B 385 -13.64 -0.41 -17.50
C ALA B 385 -12.19 -0.36 -17.03
N CYS B 386 -11.76 0.81 -16.51
CA CYS B 386 -10.42 0.97 -15.99
C CYS B 386 -10.19 0.14 -14.73
N ILE B 387 -11.01 0.35 -13.68
CA ILE B 387 -10.87 -0.42 -12.43
C ILE B 387 -10.91 -1.94 -12.68
N ILE B 388 -11.94 -2.40 -13.42
CA ILE B 388 -12.13 -3.82 -13.74
C ILE B 388 -10.97 -4.37 -14.58
N GLY B 389 -10.68 -3.73 -15.71
CA GLY B 389 -9.61 -4.11 -16.62
C GLY B 389 -8.25 -4.20 -15.94
N THR B 390 -7.91 -3.16 -15.15
CA THR B 390 -6.68 -3.09 -14.34
C THR B 390 -6.58 -4.31 -13.41
N GLN B 391 -7.67 -4.61 -12.69
CA GLN B 391 -7.70 -5.74 -11.77
C GLN B 391 -7.48 -7.08 -12.44
N PHE B 392 -8.21 -7.34 -13.55
CA PHE B 392 -8.06 -8.60 -14.29
C PHE B 392 -6.71 -8.77 -14.98
N ARG B 393 -6.03 -7.65 -15.32
CA ARG B 393 -4.68 -7.81 -15.91
C ARG B 393 -3.71 -8.28 -14.85
N LYS B 394 -3.84 -7.72 -13.65
CA LYS B 394 -3.03 -8.07 -12.49
C LYS B 394 -3.21 -9.54 -12.11
N LEU B 395 -4.45 -10.08 -12.19
CA LEU B 395 -4.75 -11.48 -11.86
C LEU B 395 -4.19 -12.48 -12.90
N ARG B 396 -3.97 -11.99 -14.12
CA ARG B 396 -3.49 -12.78 -15.26
C ARG B 396 -1.96 -12.80 -15.29
N ASP B 397 -1.35 -11.61 -15.33
CA ASP B 397 0.10 -11.38 -15.39
C ASP B 397 0.83 -11.70 -14.09
N GLY B 398 0.09 -11.67 -12.98
CA GLY B 398 0.59 -11.98 -11.65
C GLY B 398 0.28 -13.37 -11.16
N ASP B 399 -0.23 -14.26 -12.03
CA ASP B 399 -0.53 -15.63 -11.62
C ASP B 399 0.53 -16.59 -12.17
N ARG B 400 1.31 -17.22 -11.29
CA ARG B 400 2.37 -18.15 -11.68
C ARG B 400 1.77 -19.41 -12.30
N PHE B 401 0.50 -19.73 -11.95
CA PHE B 401 -0.25 -20.87 -12.48
C PHE B 401 -1.27 -20.47 -13.55
N TRP B 402 -1.06 -19.32 -14.19
CA TRP B 402 -1.89 -18.92 -15.33
C TRP B 402 -1.80 -20.02 -16.38
N TRP B 403 -2.95 -20.44 -16.91
CA TRP B 403 -3.03 -21.53 -17.89
C TRP B 403 -2.07 -21.50 -19.10
N GLU B 404 -1.75 -20.31 -19.60
CA GLU B 404 -0.83 -20.14 -20.73
C GLU B 404 0.65 -20.02 -20.30
N ASN B 405 0.91 -19.84 -18.99
CA ASN B 405 2.29 -19.70 -18.52
C ASN B 405 3.17 -20.96 -18.81
N GLU B 406 4.35 -20.75 -19.45
CA GLU B 406 5.28 -21.83 -19.83
C GLU B 406 5.56 -22.72 -18.62
N GLY B 407 5.34 -24.02 -18.79
CA GLY B 407 5.53 -25.00 -17.72
C GLY B 407 4.28 -25.41 -16.97
N VAL B 408 3.20 -24.58 -16.98
CA VAL B 408 1.93 -24.90 -16.29
C VAL B 408 1.28 -26.13 -16.99
N PHE B 409 1.14 -26.06 -18.32
CA PHE B 409 0.58 -27.14 -19.14
C PHE B 409 1.56 -27.40 -20.31
N SER B 410 1.35 -28.50 -21.07
CA SER B 410 2.14 -28.80 -22.26
C SER B 410 1.49 -28.09 -23.45
N MET B 411 2.24 -27.90 -24.54
CA MET B 411 1.73 -27.27 -25.76
C MET B 411 0.44 -27.97 -26.24
N GLN B 412 0.42 -29.32 -26.12
CA GLN B 412 -0.69 -30.20 -26.49
C GLN B 412 -1.88 -29.97 -25.54
N GLN B 413 -1.62 -29.99 -24.21
CA GLN B 413 -2.63 -29.74 -23.18
C GLN B 413 -3.28 -28.37 -23.41
N ARG B 414 -2.45 -27.35 -23.75
CA ARG B 414 -2.88 -25.98 -24.04
C ARG B 414 -3.79 -25.92 -25.27
N GLN B 415 -3.51 -26.74 -26.29
CA GLN B 415 -4.33 -26.80 -27.50
C GLN B 415 -5.63 -27.56 -27.24
N ALA B 416 -5.62 -28.50 -26.27
CA ALA B 416 -6.80 -29.26 -25.91
C ALA B 416 -7.76 -28.39 -25.10
N LEU B 417 -7.21 -27.57 -24.17
CA LEU B 417 -7.96 -26.65 -23.31
C LEU B 417 -8.56 -25.48 -24.11
N ALA B 418 -7.89 -25.06 -25.19
CA ALA B 418 -8.34 -23.98 -26.08
C ALA B 418 -9.71 -24.32 -26.71
N GLN B 419 -10.09 -25.61 -26.65
CA GLN B 419 -11.33 -26.16 -27.21
C GLN B 419 -12.51 -26.18 -26.26
N ILE B 420 -12.29 -25.82 -24.97
CA ILE B 420 -13.37 -25.83 -23.99
C ILE B 420 -14.39 -24.70 -24.22
N SER B 421 -15.63 -24.88 -23.72
CA SER B 421 -16.70 -23.91 -23.78
C SER B 421 -17.68 -24.21 -22.64
N LEU B 422 -18.37 -23.15 -22.13
CA LEU B 422 -19.38 -23.32 -21.09
C LEU B 422 -20.57 -24.15 -21.65
N PRO B 423 -21.05 -23.91 -22.91
CA PRO B 423 -22.09 -24.80 -23.48
C PRO B 423 -21.69 -26.29 -23.41
N ARG B 424 -20.43 -26.65 -23.75
CA ARG B 424 -19.97 -28.05 -23.65
C ARG B 424 -19.98 -28.63 -22.23
N ILE B 425 -19.57 -27.83 -21.22
CA ILE B 425 -19.57 -28.24 -19.79
C ILE B 425 -21.03 -28.61 -19.37
N ILE B 426 -22.00 -27.82 -19.86
CA ILE B 426 -23.43 -28.07 -19.64
C ILE B 426 -23.83 -29.45 -20.26
N CYS B 427 -23.44 -29.71 -21.53
CA CYS B 427 -23.69 -30.98 -22.26
C CYS B 427 -23.24 -32.18 -21.46
N ASP B 428 -21.97 -32.13 -21.02
CA ASP B 428 -21.28 -33.21 -20.32
C ASP B 428 -21.78 -33.52 -18.94
N ASN B 429 -22.43 -32.55 -18.28
CA ASN B 429 -22.85 -32.72 -16.89
C ASN B 429 -24.33 -32.53 -16.59
N THR B 430 -25.17 -32.43 -17.64
CA THR B 430 -26.62 -32.28 -17.44
C THR B 430 -27.38 -33.16 -18.44
N GLY B 431 -28.72 -33.06 -18.41
CA GLY B 431 -29.62 -33.74 -19.31
C GLY B 431 -29.95 -32.89 -20.52
N ILE B 432 -29.31 -31.73 -20.63
CA ILE B 432 -29.50 -30.78 -21.72
C ILE B 432 -28.76 -31.28 -22.96
N THR B 433 -29.49 -31.31 -24.08
CA THR B 433 -29.01 -31.78 -25.39
C THR B 433 -28.95 -30.66 -26.43
N THR B 434 -29.50 -29.48 -26.09
CA THR B 434 -29.49 -28.29 -26.94
C THR B 434 -29.02 -27.08 -26.16
N VAL B 435 -27.85 -26.56 -26.51
CA VAL B 435 -27.20 -25.45 -25.80
C VAL B 435 -26.84 -24.26 -26.68
N SER B 436 -26.48 -23.13 -26.03
CA SER B 436 -26.12 -21.84 -26.65
C SER B 436 -24.99 -21.97 -27.65
N LYS B 437 -25.09 -21.23 -28.76
CA LYS B 437 -24.03 -21.14 -29.75
C LYS B 437 -22.96 -20.27 -29.05
N ASN B 438 -21.69 -20.52 -29.33
CA ASN B 438 -20.65 -19.67 -28.78
C ASN B 438 -20.77 -18.30 -29.52
N ASN B 439 -20.79 -17.15 -28.82
CA ASN B 439 -20.55 -16.92 -27.38
C ASN B 439 -21.82 -17.08 -26.56
N ILE B 440 -21.78 -17.92 -25.51
CA ILE B 440 -22.88 -18.20 -24.56
C ILE B 440 -23.39 -16.90 -23.87
N PHE B 441 -22.49 -15.91 -23.69
CA PHE B 441 -22.80 -14.65 -23.03
C PHE B 441 -23.59 -13.70 -23.91
N MET B 442 -23.50 -13.89 -25.24
CA MET B 442 -24.25 -13.10 -26.20
C MET B 442 -25.56 -13.83 -26.62
N SER B 443 -25.47 -15.14 -26.89
CA SER B 443 -26.58 -16.02 -27.26
C SER B 443 -27.65 -16.03 -26.18
N ASN B 444 -28.90 -15.63 -26.52
CA ASN B 444 -30.03 -15.56 -25.58
C ASN B 444 -31.41 -15.89 -26.18
N SER B 445 -31.48 -16.16 -27.50
CA SER B 445 -32.74 -16.45 -28.17
C SER B 445 -32.86 -17.88 -28.68
N TYR B 446 -33.89 -18.60 -28.19
CA TYR B 446 -34.19 -19.95 -28.64
C TYR B 446 -35.30 -19.90 -29.69
N PRO B 447 -35.11 -20.59 -30.84
CA PRO B 447 -33.97 -21.46 -31.21
C PRO B 447 -32.82 -20.83 -32.00
N ARG B 448 -32.93 -19.53 -32.40
CA ARG B 448 -31.95 -18.78 -33.21
C ARG B 448 -30.49 -19.02 -32.83
N ASP B 449 -30.16 -18.89 -31.54
CA ASP B 449 -28.79 -18.99 -31.07
C ASP B 449 -28.46 -20.32 -30.41
N PHE B 450 -29.26 -21.37 -30.66
CA PHE B 450 -29.05 -22.69 -30.05
C PHE B 450 -28.66 -23.78 -31.03
N VAL B 451 -27.82 -24.75 -30.59
CA VAL B 451 -27.32 -25.88 -31.38
C VAL B 451 -27.40 -27.20 -30.60
N ASN B 452 -27.24 -28.35 -31.30
CA ASN B 452 -27.23 -29.67 -30.67
C ASN B 452 -25.85 -29.94 -30.09
N CYS B 453 -25.83 -30.63 -28.93
CA CYS B 453 -24.61 -31.03 -28.20
C CYS B 453 -23.63 -31.87 -29.02
N SER B 454 -24.16 -32.63 -30.00
CA SER B 454 -23.45 -33.48 -30.92
C SER B 454 -22.48 -32.68 -31.81
N THR B 455 -22.85 -31.42 -32.14
CA THR B 455 -22.05 -30.54 -32.99
C THR B 455 -20.84 -29.99 -32.24
N LEU B 456 -20.86 -30.09 -30.88
CA LEU B 456 -19.79 -29.61 -30.02
C LEU B 456 -18.76 -30.69 -29.67
N PRO B 457 -17.49 -30.50 -30.09
CA PRO B 457 -16.45 -31.47 -29.71
C PRO B 457 -16.08 -31.37 -28.23
N ALA B 458 -15.77 -32.51 -27.61
CA ALA B 458 -15.45 -32.59 -26.18
C ALA B 458 -13.99 -32.23 -25.89
N LEU B 459 -13.64 -32.05 -24.60
CA LEU B 459 -12.27 -31.78 -24.19
C LEU B 459 -11.54 -33.11 -24.31
N ASN B 460 -10.51 -33.14 -25.16
CA ASN B 460 -9.72 -34.34 -25.38
C ASN B 460 -8.59 -34.43 -24.35
N LEU B 461 -8.70 -35.40 -23.43
CA LEU B 461 -7.72 -35.60 -22.37
C LEU B 461 -6.52 -36.48 -22.75
N ALA B 462 -6.34 -36.80 -24.06
CA ALA B 462 -5.25 -37.65 -24.57
C ALA B 462 -3.87 -37.23 -24.08
N SER B 463 -3.58 -35.91 -24.09
CA SER B 463 -2.32 -35.29 -23.66
C SER B 463 -1.98 -35.47 -22.16
N TRP B 464 -2.97 -35.96 -21.36
CA TRP B 464 -2.84 -36.24 -19.93
C TRP B 464 -2.42 -37.71 -19.64
N ARG B 465 -2.18 -38.52 -20.69
CA ARG B 465 -1.76 -39.92 -20.55
C ARG B 465 -0.30 -40.00 -20.11
N GLU B 466 0.01 -40.90 -19.17
CA GLU B 466 1.34 -41.09 -18.62
C GLU B 466 1.82 -42.52 -18.86
N CYS C 1 -11.08 18.14 10.96
CA CYS C 1 -10.19 19.20 10.46
C CYS C 1 -10.83 20.60 10.39
N PRO C 2 -10.30 21.61 11.11
CA PRO C 2 -10.84 22.97 10.97
C PRO C 2 -10.81 23.45 9.52
N GLU C 3 -11.90 24.11 9.06
CA GLU C 3 -12.08 24.63 7.68
C GLU C 3 -11.09 25.74 7.34
N GLN C 4 -10.61 26.46 8.38
CA GLN C 4 -9.65 27.56 8.24
C GLN C 4 -8.53 27.35 9.25
N ASP C 5 -7.27 27.46 8.76
CA ASP C 5 -6.05 27.29 9.56
C ASP C 5 -4.85 28.02 8.95
N LYS C 6 -4.04 28.66 9.81
CA LYS C 6 -2.86 29.43 9.39
C LYS C 6 -1.55 28.65 9.54
N TYR C 7 -1.52 27.69 10.47
CA TYR C 7 -0.32 26.91 10.78
C TYR C 7 -0.51 25.40 10.71
N ARG C 8 0.62 24.73 10.63
CA ARG C 8 0.73 23.28 10.60
C ARG C 8 0.42 22.78 12.00
N THR C 9 -0.08 21.56 12.09
CA THR C 9 -0.28 20.91 13.38
C THR C 9 1.12 20.39 13.75
N ILE C 10 1.34 20.06 15.02
CA ILE C 10 2.64 19.52 15.41
C ILE C 10 2.78 18.09 14.85
N THR C 11 1.66 17.36 14.76
CA THR C 11 1.68 15.97 14.31
C THR C 11 1.59 15.79 12.81
N GLY C 12 1.30 16.85 12.09
CA GLY C 12 1.15 16.75 10.64
C GLY C 12 -0.26 16.37 10.26
N MET C 13 -1.12 16.18 11.26
CA MET C 13 -2.53 15.86 11.10
C MET C 13 -3.18 17.03 10.36
N CYS C 14 -4.12 16.73 9.46
CA CYS C 14 -4.88 17.73 8.70
C CYS C 14 -4.17 18.37 7.53
N ASN C 15 -2.91 18.04 7.27
CA ASN C 15 -2.24 18.65 6.11
C ASN C 15 -3.02 18.25 4.89
N ASN C 16 -3.36 16.94 4.79
CA ASN C 16 -4.15 16.46 3.69
C ASN C 16 -5.58 16.35 4.20
N ARG C 17 -6.47 17.21 3.70
CA ARG C 17 -7.88 17.26 4.13
C ARG C 17 -8.67 16.02 3.79
N ARG C 18 -8.45 15.40 2.60
CA ARG C 18 -9.17 14.17 2.23
C ARG C 18 -8.71 12.93 3.00
N SER C 19 -7.41 12.85 3.32
CA SER C 19 -6.82 11.76 4.09
C SER C 19 -5.94 12.41 5.22
N PRO C 20 -6.60 12.84 6.33
CA PRO C 20 -5.88 13.63 7.35
C PRO C 20 -4.65 13.11 8.06
N THR C 21 -4.39 11.79 8.06
CA THR C 21 -3.21 11.24 8.75
C THR C 21 -2.00 11.19 7.85
N LEU C 22 -2.17 11.48 6.55
CA LEU C 22 -1.07 11.40 5.58
C LEU C 22 0.03 12.39 5.89
N GLY C 23 1.21 11.85 6.22
CA GLY C 23 2.37 12.67 6.58
C GLY C 23 2.45 12.95 8.07
N ALA C 24 1.43 12.54 8.82
CA ALA C 24 1.38 12.70 10.27
C ALA C 24 2.30 11.67 10.99
N SER C 25 2.74 12.02 12.20
CA SER C 25 3.57 11.20 13.06
C SER C 25 2.85 9.96 13.63
N ASN C 26 3.64 8.95 14.01
CA ASN C 26 3.20 7.68 14.59
C ASN C 26 2.18 6.95 13.74
N ARG C 27 2.52 6.83 12.45
CA ARG C 27 1.72 6.11 11.46
C ARG C 27 2.62 5.14 10.70
N ALA C 28 2.02 4.13 10.04
CA ALA C 28 2.77 3.16 9.26
C ALA C 28 3.26 3.80 7.99
N PHE C 29 4.50 3.45 7.60
CA PHE C 29 5.10 3.92 6.37
C PHE C 29 4.23 3.46 5.17
N VAL C 30 4.33 4.16 4.04
CA VAL C 30 3.66 3.68 2.85
C VAL C 30 4.66 2.67 2.20
N ARG C 31 4.15 1.70 1.42
CA ARG C 31 5.00 0.74 0.69
C ARG C 31 4.90 1.02 -0.79
N TRP C 32 6.04 1.08 -1.49
CA TRP C 32 6.07 1.28 -2.94
C TRP C 32 6.10 -0.09 -3.63
N LEU C 33 6.55 -1.13 -2.91
CA LEU C 33 6.57 -2.52 -3.35
C LEU C 33 6.11 -3.43 -2.21
N PRO C 34 5.45 -4.57 -2.47
CA PRO C 34 5.11 -5.46 -1.35
C PRO C 34 6.37 -5.99 -0.66
N ALA C 35 6.30 -6.11 0.67
CA ALA C 35 7.35 -6.64 1.56
C ALA C 35 7.72 -8.07 1.22
N GLU C 36 9.00 -8.43 1.45
CA GLU C 36 9.57 -9.75 1.19
C GLU C 36 10.10 -10.37 2.48
N TYR C 37 9.30 -11.26 3.08
CA TYR C 37 9.62 -11.96 4.32
C TYR C 37 9.70 -13.47 4.05
N GLU C 38 10.46 -14.15 4.92
CA GLU C 38 10.72 -15.59 4.91
C GLU C 38 9.42 -16.35 4.87
N ASP C 39 8.47 -15.96 5.74
CA ASP C 39 7.15 -16.59 5.92
C ASP C 39 6.08 -15.81 5.14
N GLY C 40 6.51 -14.75 4.46
CA GLY C 40 5.65 -13.90 3.67
C GLY C 40 4.96 -12.78 4.42
N PHE C 41 4.94 -12.83 5.76
CA PHE C 41 4.25 -11.78 6.50
C PHE C 41 5.00 -11.10 7.65
N SER C 42 6.03 -11.74 8.25
CA SER C 42 6.73 -11.16 9.39
C SER C 42 8.21 -11.49 9.56
N LEU C 43 8.64 -12.73 9.31
CA LEU C 43 10.04 -13.12 9.54
C LEU C 43 11.02 -12.60 8.50
N PRO C 44 12.10 -11.91 8.93
CA PRO C 44 13.05 -11.36 7.95
C PRO C 44 13.93 -12.43 7.32
N TYR C 45 14.47 -12.18 6.10
CA TYR C 45 15.39 -13.13 5.49
C TYR C 45 16.65 -13.17 6.33
N GLY C 46 17.13 -14.38 6.60
CA GLY C 46 18.28 -14.63 7.44
C GLY C 46 17.90 -15.13 8.83
N TRP C 47 16.59 -15.08 9.14
CA TRP C 47 16.06 -15.53 10.43
C TRP C 47 16.25 -17.03 10.62
N THR C 48 15.72 -17.87 9.69
CA THR C 48 15.82 -19.32 9.77
C THR C 48 17.07 -19.87 9.06
N PRO C 49 17.91 -20.67 9.75
CA PRO C 49 19.10 -21.21 9.10
C PRO C 49 18.69 -22.23 8.03
N GLY C 50 19.36 -22.16 6.88
CA GLY C 50 19.06 -23.02 5.74
C GLY C 50 17.94 -22.55 4.83
N VAL C 51 17.16 -21.50 5.24
CA VAL C 51 16.09 -20.94 4.41
C VAL C 51 16.69 -19.93 3.41
N LYS C 52 16.75 -20.35 2.13
CA LYS C 52 17.30 -19.53 1.03
C LYS C 52 16.33 -18.42 0.59
N ARG C 53 16.88 -17.38 -0.07
CA ARG C 53 16.10 -16.30 -0.64
C ARG C 53 16.29 -16.40 -2.15
N ASN C 54 15.19 -16.60 -2.92
CA ASN C 54 15.24 -16.73 -4.39
C ASN C 54 16.34 -17.69 -4.82
N GLY C 55 16.29 -18.89 -4.25
CA GLY C 55 17.24 -19.94 -4.60
C GLY C 55 18.69 -19.79 -4.17
N PHE C 56 19.02 -18.79 -3.31
CA PHE C 56 20.40 -18.61 -2.83
C PHE C 56 20.51 -18.42 -1.34
N PRO C 57 21.62 -18.85 -0.70
CA PRO C 57 21.77 -18.59 0.73
C PRO C 57 21.82 -17.08 1.00
N VAL C 58 21.34 -16.68 2.18
CA VAL C 58 21.31 -15.28 2.61
C VAL C 58 22.70 -14.98 3.17
N ALA C 59 23.38 -13.97 2.62
CA ALA C 59 24.70 -13.51 3.04
C ALA C 59 24.57 -12.78 4.36
N LEU C 60 25.53 -13.00 5.29
CA LEU C 60 25.57 -12.29 6.58
C LEU C 60 25.88 -10.81 6.28
N ALA C 61 25.07 -9.86 6.82
CA ALA C 61 25.26 -8.42 6.64
C ALA C 61 26.68 -8.01 7.01
N ARG C 62 27.24 -8.68 8.04
CA ARG C 62 28.62 -8.48 8.50
C ARG C 62 29.64 -8.93 7.44
N ALA C 63 29.38 -10.06 6.75
CA ALA C 63 30.26 -10.56 5.68
C ALA C 63 30.25 -9.60 4.50
N VAL C 64 29.05 -9.10 4.11
CA VAL C 64 28.93 -8.15 2.99
C VAL C 64 29.74 -6.90 3.32
N SER C 65 29.60 -6.42 4.57
CA SER C 65 30.33 -5.27 5.12
C SER C 65 31.85 -5.53 5.02
N ASN C 66 32.33 -6.63 5.63
CA ASN C 66 33.74 -7.04 5.59
C ASN C 66 34.32 -7.14 4.19
N GLU C 67 33.59 -7.77 3.26
CA GLU C 67 34.09 -8.03 1.92
C GLU C 67 33.96 -6.91 0.90
N ILE C 68 32.95 -6.04 1.07
CA ILE C 68 32.68 -4.99 0.07
C ILE C 68 32.82 -3.57 0.61
N VAL C 69 32.40 -3.34 1.88
CA VAL C 69 32.45 -2.01 2.47
C VAL C 69 33.85 -1.62 2.93
N ARG C 70 34.51 -2.54 3.67
CA ARG C 70 35.85 -2.39 4.24
C ARG C 70 36.88 -1.90 3.24
N PHE C 71 37.58 -0.85 3.63
CA PHE C 71 38.65 -0.26 2.83
C PHE C 71 39.69 0.39 3.79
N PRO C 72 40.96 0.59 3.34
CA PRO C 72 41.98 1.19 4.23
C PRO C 72 41.72 2.65 4.47
N THR C 73 41.46 3.02 5.75
CA THR C 73 41.18 4.40 6.19
C THR C 73 42.10 5.44 5.54
N ASP C 74 43.40 5.17 5.53
CA ASP C 74 44.47 6.03 4.95
C ASP C 74 44.20 6.50 3.48
N GLN C 75 43.59 5.62 2.67
CA GLN C 75 43.31 5.81 1.25
C GLN C 75 42.07 6.67 0.95
N LEU C 76 41.35 7.12 1.99
CA LEU C 76 40.15 7.93 1.84
C LEU C 76 40.36 9.03 0.80
N THR C 77 39.42 9.16 -0.14
CA THR C 77 39.46 10.20 -1.15
C THR C 77 38.59 11.36 -0.67
N PRO C 78 39.17 12.56 -0.41
CA PRO C 78 38.30 13.69 -0.05
C PRO C 78 37.58 14.24 -1.30
N ASP C 79 36.34 14.71 -1.11
CA ASP C 79 35.54 15.26 -2.20
C ASP C 79 35.99 16.68 -2.52
N GLN C 80 36.41 16.93 -3.76
CA GLN C 80 36.84 18.25 -4.18
C GLN C 80 35.67 19.24 -4.30
N GLU C 81 34.44 18.73 -4.53
CA GLU C 81 33.25 19.56 -4.75
C GLU C 81 32.14 19.50 -3.68
N ARG C 82 32.43 19.00 -2.45
CA ARG C 82 31.44 18.96 -1.35
C ARG C 82 32.15 19.19 -0.02
N SER C 83 31.49 19.85 0.94
CA SER C 83 32.01 20.05 2.31
C SER C 83 31.39 19.04 3.25
N LEU C 84 31.90 18.89 4.49
CA LEU C 84 31.31 17.98 5.47
C LEU C 84 29.89 18.42 5.81
N MET C 85 29.59 19.74 5.60
CA MET C 85 28.30 20.35 5.82
C MET C 85 27.24 19.62 4.96
N PHE C 86 27.66 19.17 3.74
CA PHE C 86 26.80 18.43 2.80
C PHE C 86 26.32 17.14 3.46
N MET C 87 27.20 16.43 4.16
CA MET C 87 26.75 15.25 4.84
C MET C 87 25.90 15.59 6.06
N GLN C 88 26.29 16.64 6.81
CA GLN C 88 25.61 17.01 8.04
C GLN C 88 24.20 17.45 7.84
N TRP C 89 23.93 18.22 6.76
CA TRP C 89 22.60 18.69 6.46
C TRP C 89 21.72 17.49 6.11
N GLY C 90 22.29 16.52 5.39
CA GLY C 90 21.66 15.25 5.05
C GLY C 90 21.16 14.50 6.26
N GLN C 91 21.98 14.44 7.33
CA GLN C 91 21.58 13.78 8.57
C GLN C 91 20.52 14.59 9.29
N LEU C 92 20.72 15.91 9.40
CA LEU C 92 19.75 16.82 10.03
C LEU C 92 18.38 16.70 9.31
N LEU C 93 18.42 16.70 7.96
CA LEU C 93 17.28 16.56 7.06
C LEU C 93 16.55 15.26 7.31
N ASP C 94 17.30 14.17 7.43
CA ASP C 94 16.77 12.84 7.69
C ASP C 94 15.95 12.82 8.96
N HIS C 95 16.41 13.61 9.95
CA HIS C 95 15.82 13.68 11.27
C HIS C 95 14.55 14.53 11.33
N ASP C 96 14.20 15.17 10.20
CA ASP C 96 12.97 15.96 10.07
C ASP C 96 11.94 15.03 9.41
N LEU C 97 12.44 14.02 8.66
CA LEU C 97 11.64 13.10 7.84
C LEU C 97 11.24 11.81 8.48
N ASP C 98 12.21 11.02 8.96
CA ASP C 98 11.84 9.73 9.51
C ASP C 98 12.59 9.27 10.71
N PHE C 99 11.87 8.55 11.57
CA PHE C 99 12.43 7.88 12.73
C PHE C 99 11.64 6.59 12.93
N THR C 100 12.33 5.43 12.88
CA THR C 100 11.69 4.14 13.04
C THR C 100 11.86 3.62 14.47
N PRO C 101 10.81 3.73 15.32
CA PRO C 101 10.96 3.26 16.71
C PRO C 101 11.24 1.77 16.85
N GLU C 102 11.89 1.40 17.95
CA GLU C 102 12.25 0.02 18.34
C GLU C 102 11.83 -0.23 19.79
N PRO C 103 11.59 -1.49 20.21
CA PRO C 103 11.15 -1.75 21.60
C PRO C 103 12.02 -1.18 22.73
N VAL D 2 14.14 -11.45 26.87
CA VAL D 2 15.48 -11.34 26.26
C VAL D 2 15.91 -9.90 26.05
N ASN D 3 17.20 -9.61 26.37
CA ASN D 3 17.78 -8.29 26.20
C ASN D 3 18.71 -8.36 25.02
N CYS D 4 18.34 -7.68 23.91
CA CYS D 4 19.10 -7.65 22.65
C CYS D 4 20.46 -7.00 22.84
N GLU D 5 20.55 -6.12 23.86
CA GLU D 5 21.76 -5.41 24.22
C GLU D 5 22.91 -6.34 24.60
N THR D 6 22.60 -7.47 25.28
CA THR D 6 23.56 -8.45 25.81
C THR D 6 23.47 -9.91 25.29
N SER D 7 22.28 -10.34 24.88
CA SER D 7 22.05 -11.71 24.44
C SER D 7 22.27 -11.90 22.97
N CYS D 8 22.67 -13.11 22.60
CA CYS D 8 22.89 -13.48 21.22
C CYS D 8 21.84 -14.44 20.72
N VAL D 9 20.87 -14.73 21.58
CA VAL D 9 19.78 -15.58 21.19
C VAL D 9 18.77 -14.83 20.29
N GLN D 10 18.37 -15.51 19.20
CA GLN D 10 17.42 -14.94 18.29
C GLN D 10 16.01 -15.29 18.69
N GLN D 11 15.47 -14.53 19.65
CA GLN D 11 14.09 -14.61 20.13
C GLN D 11 13.48 -13.19 19.94
N PRO D 12 12.20 -13.02 19.54
CA PRO D 12 11.63 -11.66 19.38
C PRO D 12 11.76 -10.77 20.63
N PRO D 13 12.07 -9.46 20.51
CA PRO D 13 12.26 -8.66 19.28
C PRO D 13 13.70 -8.61 18.73
N CYS D 14 14.55 -9.52 19.14
CA CYS D 14 15.95 -9.56 18.74
C CYS D 14 16.18 -10.21 17.41
N PHE D 15 17.05 -9.59 16.60
CA PHE D 15 17.47 -10.13 15.31
C PHE D 15 18.99 -9.83 15.19
N PRO D 16 19.83 -10.52 16.02
CA PRO D 16 21.25 -10.18 16.04
C PRO D 16 21.98 -10.56 14.80
N LEU D 17 22.99 -9.76 14.46
CA LEU D 17 23.83 -9.99 13.29
C LEU D 17 24.88 -11.03 13.70
N LYS D 18 24.83 -12.23 13.08
CA LYS D 18 25.77 -13.33 13.30
C LYS D 18 27.16 -12.97 12.76
N ILE D 19 28.20 -13.53 13.36
CA ILE D 19 29.58 -13.23 12.99
C ILE D 19 30.11 -14.24 11.99
N PRO D 20 30.67 -13.75 10.85
CA PRO D 20 31.23 -14.67 9.85
C PRO D 20 32.59 -15.23 10.28
N PRO D 21 33.08 -16.37 9.71
CA PRO D 21 34.43 -16.83 10.08
C PRO D 21 35.48 -15.85 9.56
N ASN D 22 36.63 -15.80 10.25
CA ASN D 22 37.74 -14.90 9.88
C ASN D 22 37.31 -13.42 9.80
N ASP D 23 36.52 -12.96 10.80
CA ASP D 23 36.09 -11.57 10.85
C ASP D 23 37.33 -10.74 11.22
N PRO D 24 37.52 -9.50 10.70
CA PRO D 24 38.74 -8.75 11.09
C PRO D 24 38.78 -8.20 12.52
N ARG D 25 37.64 -8.21 13.24
CA ARG D 25 37.53 -7.64 14.57
C ARG D 25 36.92 -8.58 15.59
N ILE D 26 35.70 -9.09 15.34
CA ILE D 26 35.02 -10.00 16.26
C ILE D 26 35.53 -11.42 15.99
N LYS D 27 36.49 -11.88 16.82
CA LYS D 27 37.08 -13.22 16.64
C LYS D 27 36.25 -14.38 17.20
N ASN D 28 35.31 -14.09 18.09
CA ASN D 28 34.42 -15.09 18.67
C ASN D 28 33.12 -15.14 17.86
N GLN D 29 32.88 -16.28 17.21
CA GLN D 29 31.66 -16.49 16.42
C GLN D 29 30.38 -16.73 17.23
N ALA D 30 30.48 -16.92 18.57
CA ALA D 30 29.33 -17.09 19.47
C ALA D 30 28.80 -15.70 19.89
N ASP D 31 29.60 -14.64 19.64
CA ASP D 31 29.23 -13.26 19.86
C ASP D 31 28.39 -12.82 18.67
N CYS D 32 27.94 -11.56 18.66
CA CYS D 32 27.09 -10.98 17.63
C CYS D 32 27.10 -9.48 17.76
N ILE D 33 26.41 -8.81 16.82
CA ILE D 33 26.18 -7.36 16.82
C ILE D 33 24.70 -7.18 17.21
N PRO D 34 24.42 -6.51 18.35
CA PRO D 34 23.03 -6.36 18.80
C PRO D 34 22.09 -5.68 17.80
N PHE D 35 20.84 -6.15 17.76
CA PHE D 35 19.83 -5.62 16.86
C PHE D 35 18.42 -5.88 17.39
N PHE D 36 17.63 -4.80 17.46
CA PHE D 36 16.22 -4.81 17.89
C PHE D 36 15.45 -4.63 16.61
N ARG D 37 14.44 -5.50 16.36
CA ARG D 37 13.57 -5.36 15.20
C ARG D 37 12.73 -4.10 15.43
N SER D 38 12.50 -3.33 14.37
CA SER D 38 11.66 -2.12 14.45
C SER D 38 10.26 -2.50 14.91
N CYS D 39 9.61 -1.62 15.70
CA CYS D 39 8.25 -1.84 16.19
C CYS D 39 7.26 -2.11 15.04
N PRO D 40 6.50 -3.23 15.07
CA PRO D 40 5.50 -3.46 14.02
C PRO D 40 4.29 -2.52 14.14
N ALA D 41 3.79 -2.02 13.01
CA ALA D 41 2.62 -1.14 12.96
C ALA D 41 1.39 -1.84 13.55
N CYS D 42 1.24 -3.13 13.25
CA CYS D 42 0.15 -3.91 13.78
C CYS D 42 0.66 -5.12 14.60
N PRO D 43 0.91 -4.93 15.92
CA PRO D 43 1.49 -6.03 16.71
C PRO D 43 0.63 -7.30 16.85
N GLY D 44 1.31 -8.44 16.72
CA GLY D 44 0.73 -9.77 16.85
C GLY D 44 -0.06 -10.34 15.69
N SER D 45 -0.42 -9.49 14.68
CA SER D 45 -1.24 -9.87 13.53
C SER D 45 -0.79 -11.07 12.68
N ASN D 46 -1.79 -11.91 12.37
CA ASN D 46 -1.69 -13.09 11.51
C ASN D 46 -2.44 -12.79 10.17
N ILE D 47 -2.73 -11.47 9.90
CA ILE D 47 -3.50 -11.01 8.73
C ILE D 47 -2.71 -10.02 7.87
N THR D 48 -2.16 -8.99 8.50
CA THR D 48 -1.47 -7.96 7.75
C THR D 48 -0.01 -8.25 7.57
N ILE D 49 0.60 -7.72 6.49
CA ILE D 49 2.01 -7.93 6.22
C ILE D 49 2.77 -6.91 7.06
N ARG D 50 3.64 -7.40 7.96
CA ARG D 50 4.46 -6.59 8.86
C ARG D 50 4.98 -5.31 8.19
N ASN D 51 4.71 -4.17 8.84
CA ASN D 51 5.13 -2.85 8.41
C ASN D 51 5.62 -2.09 9.60
N GLN D 52 6.42 -1.04 9.35
CA GLN D 52 7.04 -0.26 10.39
C GLN D 52 6.41 1.14 10.51
N ILE D 53 6.69 1.83 11.62
CA ILE D 53 6.12 3.13 11.96
C ILE D 53 7.11 4.26 11.75
N ASN D 54 6.61 5.41 11.26
CA ASN D 54 7.39 6.63 11.24
C ASN D 54 6.91 7.45 12.41
N ALA D 55 7.77 7.63 13.42
CA ALA D 55 7.45 8.39 14.65
C ALA D 55 7.43 9.92 14.43
N LEU D 56 7.84 10.38 13.20
CA LEU D 56 7.94 11.80 12.83
C LEU D 56 6.96 12.28 11.76
N THR D 57 6.88 13.59 11.57
CA THR D 57 6.04 14.13 10.50
C THR D 57 6.87 14.00 9.23
N SER D 58 6.28 13.42 8.17
CA SER D 58 6.99 13.23 6.90
C SER D 58 7.39 14.55 6.27
N PHE D 59 6.62 15.62 6.54
CA PHE D 59 6.86 16.97 5.98
C PHE D 59 8.19 17.53 6.41
N VAL D 60 8.74 18.41 5.56
CA VAL D 60 9.96 19.16 5.81
C VAL D 60 9.43 20.42 6.50
N ASP D 61 9.19 20.30 7.81
CA ASP D 61 8.61 21.34 8.65
C ASP D 61 9.45 21.63 9.90
N ALA D 62 10.76 21.30 9.87
CA ALA D 62 11.67 21.44 11.00
C ALA D 62 11.20 20.70 12.28
N SER D 63 10.57 19.54 12.11
CA SER D 63 10.11 18.76 13.25
C SER D 63 11.29 18.28 14.13
N MET D 64 12.53 18.31 13.61
CA MET D 64 13.71 17.98 14.42
C MET D 64 14.01 19.11 15.44
N VAL D 65 13.45 20.30 15.20
CA VAL D 65 13.54 21.45 16.10
C VAL D 65 12.34 21.51 17.06
N TYR D 66 11.11 21.44 16.51
CA TYR D 66 9.83 21.58 17.22
C TYR D 66 9.19 20.36 17.86
N GLY D 67 9.45 19.18 17.30
CA GLY D 67 8.85 17.93 17.77
C GLY D 67 7.68 17.49 16.91
N SER D 68 7.41 16.17 16.90
CA SER D 68 6.30 15.61 16.10
C SER D 68 5.10 15.15 16.97
N GLU D 69 5.19 15.39 18.28
CA GLU D 69 4.16 15.04 19.26
C GLU D 69 3.90 16.29 20.13
N GLU D 70 2.61 16.55 20.45
CA GLU D 70 2.15 17.71 21.22
C GLU D 70 2.83 17.88 22.60
N PRO D 71 2.91 16.85 23.47
CA PRO D 71 3.59 17.05 24.77
C PRO D 71 5.05 17.46 24.64
N LEU D 72 5.83 16.76 23.78
CA LEU D 72 7.24 17.09 23.54
C LEU D 72 7.33 18.54 23.07
N ALA D 73 6.53 18.91 22.08
CA ALA D 73 6.49 20.26 21.55
C ALA D 73 6.21 21.34 22.63
N ARG D 74 5.35 21.04 23.64
CA ARG D 74 5.07 22.00 24.74
C ARG D 74 6.34 22.18 25.56
N ASN D 75 6.97 21.03 25.94
CA ASN D 75 8.18 20.97 26.74
C ASN D 75 9.37 21.66 26.15
N LEU D 76 9.39 21.81 24.81
CA LEU D 76 10.50 22.44 24.08
C LEU D 76 10.39 23.96 24.12
N ARG D 77 9.18 24.47 24.36
CA ARG D 77 8.90 25.89 24.43
C ARG D 77 9.20 26.53 25.80
N ASN D 78 9.58 27.83 25.79
CA ASN D 78 9.77 28.63 27.00
C ASN D 78 8.38 29.21 27.29
N MET D 79 7.73 28.69 28.36
CA MET D 79 6.38 29.07 28.75
C MET D 79 6.35 30.02 29.97
N SER D 80 7.53 30.55 30.35
CA SER D 80 7.65 31.48 31.47
C SER D 80 7.14 32.88 31.09
N ASN D 81 6.92 33.13 29.78
CA ASN D 81 6.50 34.42 29.25
C ASN D 81 5.77 34.32 27.90
N GLN D 82 5.37 35.47 27.36
CA GLN D 82 4.68 35.62 26.08
C GLN D 82 5.67 36.01 24.95
N LEU D 83 6.96 35.64 25.09
CA LEU D 83 8.01 35.95 24.09
C LEU D 83 8.09 34.99 22.87
N GLY D 84 7.42 33.84 22.97
CA GLY D 84 7.33 32.84 21.91
C GLY D 84 8.62 32.13 21.59
N LEU D 85 9.46 31.96 22.63
CA LEU D 85 10.78 31.34 22.52
C LEU D 85 10.82 29.85 22.81
N LEU D 86 11.92 29.23 22.37
CA LEU D 86 12.25 27.85 22.67
C LEU D 86 13.11 27.83 23.95
N ALA D 87 12.83 26.91 24.87
CA ALA D 87 13.60 26.75 26.10
C ALA D 87 15.06 26.48 25.76
N VAL D 88 15.95 27.07 26.56
CA VAL D 88 17.39 26.91 26.36
C VAL D 88 18.01 26.39 27.65
N ASN D 89 19.25 25.85 27.56
CA ASN D 89 20.00 25.33 28.69
C ASN D 89 20.13 26.40 29.83
N GLN D 90 19.82 26.00 31.06
CA GLN D 90 19.86 26.90 32.22
C GLN D 90 21.10 26.67 33.08
N ARG D 91 21.99 25.75 32.66
CA ARG D 91 23.20 25.42 33.38
C ARG D 91 24.42 25.95 32.64
N PHE D 92 24.37 26.01 31.28
CA PHE D 92 25.51 26.44 30.46
C PHE D 92 25.15 27.27 29.23
N GLN D 93 26.15 28.03 28.73
CA GLN D 93 26.08 28.86 27.52
C GLN D 93 27.36 28.70 26.71
N ASP D 94 27.30 28.98 25.42
CA ASP D 94 28.42 28.91 24.48
C ASP D 94 28.74 30.38 24.14
N ASN D 95 29.76 30.97 24.84
CA ASN D 95 30.16 32.38 24.68
C ASN D 95 28.96 33.35 24.70
N GLY D 96 28.14 33.21 25.73
CA GLY D 96 26.94 34.04 25.90
C GLY D 96 25.74 33.57 25.10
N ARG D 97 25.98 32.74 24.06
CA ARG D 97 24.96 32.20 23.16
C ARG D 97 24.37 30.91 23.68
N ALA D 98 23.05 30.71 23.43
CA ALA D 98 22.24 29.60 23.91
C ALA D 98 22.70 28.19 23.50
N LEU D 99 22.46 27.23 24.39
CA LEU D 99 22.68 25.82 24.16
C LEU D 99 21.32 25.10 24.31
N LEU D 100 21.15 23.95 23.65
CA LEU D 100 19.93 23.14 23.75
C LEU D 100 19.72 22.71 25.21
N PRO D 101 18.48 22.60 25.71
CA PRO D 101 18.30 22.11 27.10
C PRO D 101 18.76 20.67 27.24
N PHE D 102 19.10 20.26 28.46
CA PHE D 102 19.49 18.88 28.76
C PHE D 102 18.23 18.02 28.88
N ASP D 103 18.36 16.71 28.61
CA ASP D 103 17.23 15.78 28.69
C ASP D 103 17.33 14.93 29.98
N ASN D 104 16.26 14.21 30.33
CA ASN D 104 16.20 13.39 31.53
C ASN D 104 16.12 11.88 31.20
N LEU D 105 17.15 11.37 30.51
CA LEU D 105 17.20 9.96 30.12
C LEU D 105 17.51 9.04 31.28
N HIS D 106 16.90 7.85 31.30
CA HIS D 106 17.14 6.88 32.36
C HIS D 106 18.56 6.30 32.26
N ASP D 107 18.97 5.83 31.08
CA ASP D 107 20.34 5.30 31.00
C ASP D 107 21.14 6.03 29.91
N ASP D 108 21.24 7.36 30.11
CA ASP D 108 21.87 8.38 29.29
C ASP D 108 23.25 7.95 28.73
N PRO D 109 23.37 7.80 27.38
CA PRO D 109 24.65 7.37 26.81
C PRO D 109 25.73 8.46 26.81
N CYS D 110 25.32 9.74 26.84
CA CYS D 110 26.25 10.88 26.83
C CYS D 110 27.16 10.95 28.03
N LEU D 111 26.60 10.62 29.25
CA LEU D 111 27.36 10.57 30.49
C LEU D 111 28.51 9.56 30.42
N LEU D 112 28.37 8.49 29.59
CA LEU D 112 29.37 7.42 29.43
C LEU D 112 30.58 7.85 28.62
N THR D 113 30.42 8.88 27.75
CA THR D 113 31.47 9.38 26.84
C THR D 113 32.63 10.07 27.58
N ASN D 114 32.33 10.67 28.73
CA ASN D 114 33.27 11.29 29.65
C ASN D 114 32.60 11.21 30.97
N ARG D 115 33.08 10.26 31.80
CA ARG D 115 32.52 9.99 33.14
C ARG D 115 32.64 11.17 34.11
N SER D 116 33.82 11.81 34.17
CA SER D 116 34.09 12.91 35.09
C SER D 116 33.32 14.18 34.78
N ALA D 117 33.15 14.51 33.46
CA ALA D 117 32.45 15.70 32.97
C ALA D 117 30.99 15.77 33.45
N ARG D 118 30.26 14.62 33.44
CA ARG D 118 28.86 14.51 33.88
C ARG D 118 27.87 15.39 33.09
N ILE D 119 28.13 15.48 31.76
CA ILE D 119 27.30 16.24 30.82
C ILE D 119 26.29 15.29 30.13
N PRO D 120 24.97 15.49 30.39
CA PRO D 120 23.96 14.59 29.81
C PRO D 120 23.61 14.92 28.35
N CYS D 121 22.71 14.13 27.75
CA CYS D 121 22.20 14.33 26.40
C CYS D 121 21.33 15.58 26.33
N PHE D 122 21.31 16.19 25.14
CA PHE D 122 20.49 17.35 24.86
C PHE D 122 19.05 16.96 24.53
N LEU D 123 18.13 17.91 24.70
CA LEU D 123 16.72 17.73 24.40
C LEU D 123 16.37 18.61 23.19
N ALA D 124 16.02 17.96 22.07
CA ALA D 124 15.60 18.64 20.85
C ALA D 124 14.27 18.06 20.34
N GLY D 125 13.81 18.50 19.15
CA GLY D 125 12.59 18.03 18.52
C GLY D 125 12.68 16.57 18.13
N ASP D 126 13.92 16.09 17.94
CA ASP D 126 14.21 14.72 17.60
C ASP D 126 15.13 14.15 18.65
N THR D 127 14.93 12.86 19.00
CA THR D 127 15.71 12.15 20.01
C THR D 127 17.19 11.91 19.66
N ARG D 128 17.57 12.12 18.42
CA ARG D 128 18.96 11.86 18.01
C ARG D 128 19.91 13.07 18.08
N SER D 129 19.46 14.27 18.57
CA SER D 129 20.26 15.51 18.65
C SER D 129 21.71 15.38 19.15
N SER D 130 21.96 14.58 20.20
CA SER D 130 23.30 14.39 20.79
C SER D 130 24.13 13.25 20.16
N GLU D 131 23.64 12.62 19.07
CA GLU D 131 24.32 11.50 18.40
C GLU D 131 25.77 11.82 17.99
N MET D 132 25.98 13.01 17.42
CA MET D 132 27.32 13.49 17.08
C MET D 132 27.31 15.01 17.22
N PRO D 133 28.43 15.62 17.73
CA PRO D 133 28.44 17.07 18.00
C PRO D 133 28.20 17.96 16.81
N GLU D 134 28.52 17.47 15.57
CA GLU D 134 28.22 18.20 14.33
C GLU D 134 26.69 18.35 14.18
N LEU D 135 25.93 17.33 14.58
CA LEU D 135 24.48 17.34 14.49
C LEU D 135 23.88 18.24 15.58
N THR D 136 24.43 18.14 16.81
CA THR D 136 24.04 18.97 17.97
C THR D 136 24.23 20.43 17.58
N SER D 137 25.32 20.75 16.84
CA SER D 137 25.63 22.09 16.38
C SER D 137 24.53 22.64 15.46
N MET D 138 24.10 21.83 14.47
CA MET D 138 23.02 22.19 13.53
C MET D 138 21.68 22.43 14.29
N HIS D 139 21.39 21.58 15.30
CA HIS D 139 20.21 21.65 16.15
C HIS D 139 20.27 22.94 16.98
N THR D 140 21.46 23.24 17.59
CA THR D 140 21.71 24.43 18.43
C THR D 140 21.59 25.67 17.57
N LEU D 141 22.05 25.60 16.32
CA LEU D 141 21.97 26.73 15.40
C LEU D 141 20.50 27.11 15.11
N LEU D 142 19.67 26.12 14.71
CA LEU D 142 18.25 26.36 14.41
C LEU D 142 17.43 26.80 15.64
N LEU D 143 17.83 26.34 16.86
CA LEU D 143 17.24 26.75 18.14
C LEU D 143 17.44 28.28 18.29
N ARG D 144 18.68 28.74 18.04
CA ARG D 144 19.03 30.15 18.10
C ARG D 144 18.30 30.90 16.99
N GLU D 145 18.24 30.33 15.77
CA GLU D 145 17.55 30.99 14.66
C GLU D 145 16.08 31.26 15.00
N HIS D 146 15.37 30.29 15.61
CA HIS D 146 13.97 30.48 16.01
C HIS D 146 13.83 31.67 16.98
N ASN D 147 14.62 31.65 18.09
CA ASN D 147 14.65 32.67 19.14
C ASN D 147 15.03 34.06 18.59
N ARG D 148 15.98 34.11 17.63
CA ARG D 148 16.40 35.33 16.94
C ARG D 148 15.20 35.92 16.19
N LEU D 149 14.45 35.06 15.45
CA LEU D 149 13.26 35.44 14.69
C LEU D 149 12.13 35.88 15.59
N ALA D 150 11.84 35.13 16.67
CA ALA D 150 10.76 35.46 17.60
C ALA D 150 10.99 36.85 18.25
N THR D 151 12.27 37.19 18.56
CA THR D 151 12.71 38.45 19.17
C THR D 151 12.47 39.61 18.21
N GLU D 152 12.91 39.45 16.94
CA GLU D 152 12.78 40.42 15.87
C GLU D 152 11.30 40.69 15.64
N LEU D 153 10.46 39.63 15.61
CA LEU D 153 9.01 39.76 15.39
C LEU D 153 8.32 40.48 16.52
N LYS D 154 8.78 40.29 17.79
CA LYS D 154 8.24 40.99 18.95
C LYS D 154 8.48 42.52 18.85
N SER D 155 9.68 42.93 18.42
CA SER D 155 10.02 44.35 18.25
C SER D 155 9.22 45.00 17.11
N LEU D 156 8.85 44.19 16.08
CA LEU D 156 8.07 44.61 14.91
C LEU D 156 6.60 44.73 15.27
N ASN D 157 6.06 43.66 15.90
CA ASN D 157 4.68 43.49 16.30
C ASN D 157 4.62 43.26 17.82
N PRO D 158 4.68 44.36 18.62
CA PRO D 158 4.67 44.22 20.09
C PRO D 158 3.41 43.61 20.68
N ARG D 159 2.26 43.78 20.00
CA ARG D 159 0.99 43.26 20.48
C ARG D 159 0.78 41.77 20.15
N TRP D 160 1.75 41.11 19.45
CA TRP D 160 1.63 39.66 19.18
C TRP D 160 1.98 38.87 20.42
N ASP D 161 1.19 37.83 20.70
CA ASP D 161 1.37 36.99 21.88
C ASP D 161 2.40 35.86 21.63
N GLY D 162 2.80 35.16 22.69
CA GLY D 162 3.75 34.05 22.65
C GLY D 162 3.45 33.01 21.59
N GLU D 163 2.19 32.54 21.52
CA GLU D 163 1.74 31.55 20.54
C GLU D 163 1.98 32.06 19.13
N ARG D 164 1.52 33.27 18.82
CA ARG D 164 1.69 33.91 17.52
C ARG D 164 3.16 34.06 17.13
N LEU D 165 3.99 34.48 18.11
CA LEU D 165 5.44 34.67 17.94
C LEU D 165 6.11 33.32 17.67
N TYR D 166 5.73 32.30 18.47
CA TYR D 166 6.21 30.94 18.32
C TYR D 166 5.87 30.39 16.93
N GLN D 167 4.59 30.52 16.56
CA GLN D 167 4.08 30.04 15.28
C GLN D 167 4.75 30.67 14.09
N GLU D 168 4.74 32.00 14.02
CA GLU D 168 5.33 32.76 12.90
C GLU D 168 6.81 32.46 12.69
N ALA D 169 7.60 32.33 13.80
CA ALA D 169 9.02 31.98 13.73
C ALA D 169 9.19 30.52 13.26
N ARG D 170 8.32 29.60 13.73
CA ARG D 170 8.31 28.19 13.32
C ARG D 170 8.05 28.05 11.79
N LYS D 171 7.12 28.85 11.29
CA LYS D 171 6.72 28.93 9.90
C LYS D 171 7.93 29.39 9.04
N ILE D 172 8.73 30.37 9.54
CA ILE D 172 9.93 30.87 8.84
C ILE D 172 11.02 29.78 8.83
N VAL D 173 11.32 29.19 10.02
CA VAL D 173 12.32 28.12 10.18
C VAL D 173 12.04 26.95 9.22
N GLY D 174 10.77 26.54 9.13
CA GLY D 174 10.32 25.46 8.23
C GLY D 174 10.60 25.77 6.77
N ALA D 175 10.26 26.99 6.32
CA ALA D 175 10.51 27.46 4.95
C ALA D 175 12.03 27.54 4.67
N MET D 176 12.83 27.99 5.68
CA MET D 176 14.29 28.04 5.55
C MET D 176 14.86 26.64 5.27
N VAL D 177 14.37 25.62 6.03
CA VAL D 177 14.77 24.22 5.87
C VAL D 177 14.38 23.71 4.47
N GLN D 178 13.17 24.11 4.00
CA GLN D 178 12.65 23.74 2.67
C GLN D 178 13.52 24.32 1.56
N ILE D 179 13.80 25.65 1.64
CA ILE D 179 14.63 26.42 0.70
C ILE D 179 16.05 25.83 0.58
N ILE D 180 16.75 25.67 1.72
CA ILE D 180 18.11 25.08 1.75
C ILE D 180 18.11 23.68 1.13
N THR D 181 17.08 22.85 1.45
CA THR D 181 16.98 21.48 0.94
C THR D 181 16.79 21.46 -0.56
N TYR D 182 15.77 22.17 -1.04
CA TYR D 182 15.39 22.13 -2.44
C TYR D 182 16.20 22.99 -3.38
N ARG D 183 16.74 24.10 -2.89
CA ARG D 183 17.53 24.98 -3.73
C ARG D 183 19.01 24.58 -3.72
N ASP D 184 19.55 24.28 -2.53
CA ASP D 184 20.98 24.02 -2.34
C ASP D 184 21.42 22.56 -2.16
N TYR D 185 20.66 21.80 -1.38
CA TYR D 185 21.06 20.43 -1.04
C TYR D 185 20.76 19.42 -2.12
N LEU D 186 19.47 19.17 -2.40
CA LEU D 186 18.99 18.19 -3.40
C LEU D 186 19.66 18.25 -4.78
N PRO D 187 19.86 19.44 -5.43
CA PRO D 187 20.52 19.45 -6.73
C PRO D 187 21.92 18.82 -6.74
N LEU D 188 22.65 18.91 -5.60
CA LEU D 188 24.00 18.36 -5.41
C LEU D 188 23.98 16.86 -5.05
N VAL D 189 22.83 16.37 -4.61
CA VAL D 189 22.66 14.96 -4.27
C VAL D 189 22.37 14.23 -5.58
N LEU D 190 21.42 14.77 -6.36
CA LEU D 190 20.91 14.17 -7.60
C LEU D 190 21.66 14.44 -8.88
N GLY D 191 22.18 15.65 -9.03
CA GLY D 191 22.80 16.07 -10.27
C GLY D 191 21.73 16.75 -11.14
N PRO D 192 22.12 17.54 -12.16
CA PRO D 192 21.12 18.24 -12.99
C PRO D 192 20.00 17.44 -13.65
N THR D 193 20.31 16.32 -14.31
CA THR D 193 19.30 15.51 -15.01
C THR D 193 18.25 14.91 -14.08
N ALA D 194 18.67 14.24 -12.97
CA ALA D 194 17.76 13.63 -12.00
C ALA D 194 16.90 14.70 -11.32
N MET D 195 17.45 15.91 -11.22
CA MET D 195 16.77 17.04 -10.63
C MET D 195 15.62 17.46 -11.56
N ARG D 196 15.87 17.52 -12.89
CA ARG D 196 14.84 17.86 -13.88
C ARG D 196 13.82 16.73 -13.95
N LYS D 197 14.27 15.47 -14.02
CA LYS D 197 13.40 14.30 -14.08
C LYS D 197 12.47 14.17 -12.86
N TYR D 198 13.03 14.09 -11.64
CA TYR D 198 12.25 13.90 -10.43
C TYR D 198 11.73 15.16 -9.73
N LEU D 199 12.40 16.30 -9.87
CA LEU D 199 11.95 17.52 -9.21
C LEU D 199 11.70 18.68 -10.22
N PRO D 200 10.78 18.52 -11.20
CA PRO D 200 10.51 19.65 -12.12
C PRO D 200 9.99 20.86 -11.37
N THR D 201 10.13 22.03 -11.96
CA THR D 201 9.67 23.30 -11.36
C THR D 201 8.31 23.15 -10.64
N TYR D 202 8.26 23.59 -9.37
CA TYR D 202 7.03 23.56 -8.59
C TYR D 202 5.95 24.37 -9.31
N ARG D 203 4.72 23.83 -9.33
CA ARG D 203 3.55 24.48 -9.93
C ARG D 203 2.62 24.88 -8.77
N SER D 204 2.02 23.88 -8.10
CA SER D 204 1.11 24.10 -6.98
C SER D 204 0.90 22.83 -6.12
N TYR D 205 0.27 23.01 -4.95
CA TYR D 205 -0.10 21.91 -4.07
C TYR D 205 -1.10 21.02 -4.81
N ASN D 206 -0.89 19.68 -4.71
CA ASN D 206 -1.74 18.63 -5.26
C ASN D 206 -2.22 17.74 -4.10
N ASP D 207 -3.51 17.81 -3.77
CA ASP D 207 -4.07 17.04 -2.65
C ASP D 207 -4.13 15.48 -2.86
N SER D 208 -3.84 15.03 -4.07
CA SER D 208 -3.85 13.63 -4.46
C SER D 208 -2.45 13.05 -4.46
N VAL D 209 -1.45 13.80 -3.95
CA VAL D 209 -0.06 13.33 -3.84
C VAL D 209 0.19 12.83 -2.40
N ASP D 210 0.49 11.55 -2.26
CA ASP D 210 0.72 10.93 -0.95
C ASP D 210 2.03 11.47 -0.36
N PRO D 211 1.94 12.25 0.75
CA PRO D 211 3.15 12.83 1.35
C PRO D 211 3.93 11.93 2.29
N ARG D 212 3.53 10.66 2.44
CA ARG D 212 4.22 9.76 3.39
C ARG D 212 5.62 9.33 2.99
N ILE D 213 6.43 8.94 3.98
CA ILE D 213 7.76 8.41 3.77
C ILE D 213 7.55 6.95 3.42
N ALA D 214 8.18 6.52 2.32
CA ALA D 214 8.13 5.12 1.90
C ALA D 214 9.10 4.36 2.80
N ASN D 215 8.77 3.11 3.11
CA ASN D 215 9.64 2.26 3.90
C ASN D 215 11.06 2.21 3.25
N VAL D 216 11.18 2.01 1.92
CA VAL D 216 12.47 2.00 1.20
C VAL D 216 13.36 3.26 1.47
N PHE D 217 12.74 4.47 1.51
CA PHE D 217 13.46 5.72 1.74
C PHE D 217 14.29 5.69 3.02
N THR D 218 13.77 5.10 4.13
CA THR D 218 14.48 4.99 5.42
C THR D 218 15.84 4.35 5.29
N ASN D 219 15.96 3.50 4.28
CA ASN D 219 17.19 2.78 3.97
C ASN D 219 17.96 3.47 2.87
N ALA D 220 17.29 3.87 1.79
CA ALA D 220 17.94 4.52 0.64
C ALA D 220 18.63 5.83 1.04
N PHE D 221 17.97 6.66 1.88
CA PHE D 221 18.55 7.92 2.33
C PHE D 221 19.81 7.75 3.22
N ARG D 222 20.15 6.49 3.58
CA ARG D 222 21.36 6.20 4.34
C ARG D 222 22.61 6.22 3.42
N TYR D 223 22.45 6.69 2.14
CA TYR D 223 23.56 6.82 1.20
C TYR D 223 24.59 7.76 1.85
N GLY D 224 24.11 8.65 2.73
CA GLY D 224 24.90 9.65 3.44
C GLY D 224 26.04 9.07 4.23
N HIS D 225 25.91 7.79 4.64
CA HIS D 225 26.93 7.05 5.39
C HIS D 225 28.24 6.96 4.64
N THR D 226 28.18 7.00 3.31
CA THR D 226 29.34 6.97 2.43
C THR D 226 30.07 8.34 2.36
N LEU D 227 29.49 9.42 2.94
CA LEU D 227 30.04 10.79 2.98
C LEU D 227 30.77 11.08 4.33
N ILE D 228 30.55 10.23 5.35
CA ILE D 228 31.11 10.38 6.68
C ILE D 228 32.63 10.29 6.69
N GLN D 229 33.27 11.32 7.29
CA GLN D 229 34.72 11.44 7.49
C GLN D 229 35.08 10.74 8.85
N PRO D 230 36.26 10.07 9.01
CA PRO D 230 36.54 9.38 10.29
C PRO D 230 36.93 10.27 11.47
N PHE D 231 36.96 11.60 11.26
CA PHE D 231 37.31 12.55 12.31
C PHE D 231 36.28 13.65 12.47
N MET D 232 36.29 14.33 13.64
CA MET D 232 35.53 15.55 13.88
C MET D 232 36.59 16.66 13.93
N PHE D 233 36.50 17.55 12.91
CA PHE D 233 37.40 18.66 12.66
C PHE D 233 36.89 19.93 13.29
N ARG D 234 37.75 20.54 14.10
CA ARG D 234 37.45 21.79 14.77
C ARG D 234 38.46 22.81 14.34
N LEU D 235 37.98 24.00 13.97
CA LEU D 235 38.82 25.10 13.51
C LEU D 235 38.61 26.35 14.35
N ASP D 236 39.72 27.08 14.67
CA ASP D 236 39.69 28.34 15.45
C ASP D 236 39.23 29.53 14.59
N ASN D 237 39.15 30.73 15.23
CA ASN D 237 38.80 32.03 14.63
C ASN D 237 39.42 32.25 13.23
N ARG D 238 40.69 31.83 13.05
CA ARG D 238 41.46 32.00 11.82
C ARG D 238 41.43 30.76 10.87
N TYR D 239 40.39 29.90 11.02
CA TYR D 239 40.19 28.66 10.23
C TYR D 239 41.42 27.73 10.21
N GLN D 240 42.07 27.64 11.37
CA GLN D 240 43.26 26.81 11.58
C GLN D 240 42.95 25.75 12.62
N PRO D 241 43.66 24.58 12.58
CA PRO D 241 43.39 23.52 13.57
C PRO D 241 43.36 24.01 15.02
N MET D 242 42.26 23.74 15.73
N MET D 242 42.26 23.73 15.74
CA MET D 242 42.04 24.16 17.12
CA MET D 242 42.07 24.16 17.12
C MET D 242 42.58 23.09 18.09
C MET D 242 42.58 23.10 18.09
N GLU D 243 43.75 23.38 18.70
CA GLU D 243 44.44 22.50 19.63
C GLU D 243 43.90 22.69 21.04
N PRO D 244 43.86 21.63 21.89
CA PRO D 244 44.18 20.23 21.59
C PRO D 244 42.94 19.51 21.01
N ASN D 245 43.20 18.42 20.26
CA ASN D 245 42.19 17.59 19.59
C ASN D 245 41.54 18.26 18.35
N PRO D 246 42.33 18.77 17.35
CA PRO D 246 41.69 19.33 16.14
C PRO D 246 40.97 18.29 15.26
N ARG D 247 41.49 17.03 15.18
CA ARG D 247 40.94 15.91 14.42
C ARG D 247 40.55 14.78 15.38
N VAL D 248 39.37 14.89 16.02
CA VAL D 248 38.95 13.83 16.96
C VAL D 248 38.41 12.61 16.19
N PRO D 249 38.87 11.38 16.49
CA PRO D 249 38.27 10.20 15.83
C PRO D 249 36.78 10.11 16.15
N LEU D 250 35.99 9.72 15.13
CA LEU D 250 34.54 9.61 15.26
C LEU D 250 34.06 8.70 16.38
N SER D 251 34.82 7.60 16.66
CA SER D 251 34.46 6.66 17.71
C SER D 251 34.54 7.28 19.08
N ARG D 252 35.09 8.50 19.15
CA ARG D 252 35.24 9.26 20.39
C ARG D 252 34.26 10.45 20.53
N VAL D 253 33.55 10.84 19.43
CA VAL D 253 32.57 11.96 19.45
C VAL D 253 31.09 11.50 19.59
N PHE D 254 30.78 10.20 19.33
CA PHE D 254 29.39 9.72 19.40
C PHE D 254 28.87 9.93 20.81
N PHE D 255 27.76 10.68 20.90
CA PHE D 255 27.09 11.03 22.14
C PHE D 255 27.91 11.91 23.07
N ALA D 256 29.06 12.44 22.59
CA ALA D 256 29.94 13.26 23.40
C ALA D 256 29.46 14.70 23.51
N SER D 257 28.29 14.86 24.20
CA SER D 257 27.62 16.15 24.42
C SER D 257 28.52 17.09 25.17
N TRP D 258 29.42 16.48 25.97
CA TRP D 258 30.46 17.11 26.76
C TRP D 258 31.41 17.92 25.88
N ARG D 259 31.62 17.50 24.62
CA ARG D 259 32.48 18.23 23.71
C ARG D 259 31.91 19.57 23.36
N VAL D 260 30.60 19.66 23.21
CA VAL D 260 29.93 20.91 22.89
C VAL D 260 30.02 21.90 24.09
N VAL D 261 29.68 21.42 25.28
CA VAL D 261 29.63 22.22 26.52
C VAL D 261 31.03 22.61 27.06
N LEU D 262 31.97 21.64 27.13
CA LEU D 262 33.29 21.86 27.67
C LEU D 262 34.46 22.09 26.70
N GLU D 263 34.28 21.86 25.39
CA GLU D 263 35.42 22.04 24.48
C GLU D 263 35.30 23.13 23.40
N GLY D 264 34.58 24.23 23.72
CA GLY D 264 34.51 25.36 22.82
C GLY D 264 33.23 25.66 22.08
N GLY D 265 32.18 24.90 22.38
CA GLY D 265 30.87 25.12 21.76
C GLY D 265 30.76 24.77 20.29
N ILE D 266 29.78 25.40 19.62
CA ILE D 266 29.44 25.07 18.24
C ILE D 266 30.30 25.67 17.11
N ASP D 267 30.88 26.89 17.32
CA ASP D 267 31.71 27.61 16.32
C ASP D 267 32.84 26.77 15.70
N PRO D 268 33.70 26.08 16.51
CA PRO D 268 34.79 25.29 15.91
C PRO D 268 34.29 24.14 15.03
N ILE D 269 33.17 23.52 15.46
CA ILE D 269 32.48 22.42 14.76
C ILE D 269 31.88 22.93 13.42
N LEU D 270 31.14 24.04 13.45
CA LEU D 270 30.55 24.62 12.23
C LEU D 270 31.62 25.03 11.20
N ARG D 271 32.76 25.60 11.68
CA ARG D 271 33.91 26.00 10.87
C ARG D 271 34.54 24.75 10.22
N GLY D 272 34.63 23.67 11.01
CA GLY D 272 35.14 22.39 10.56
C GLY D 272 34.25 21.81 9.47
N LEU D 273 32.91 21.91 9.66
CA LEU D 273 31.91 21.44 8.69
C LEU D 273 31.98 22.19 7.35
N MET D 274 32.20 23.50 7.43
CA MET D 274 32.30 24.38 6.27
C MET D 274 33.60 24.23 5.49
N ALA D 275 34.75 24.17 6.20
CA ALA D 275 36.08 24.17 5.58
C ALA D 275 36.79 22.81 5.44
N THR D 276 36.05 21.71 5.61
CA THR D 276 36.61 20.38 5.43
C THR D 276 35.83 19.70 4.31
N PRO D 277 36.50 19.00 3.37
CA PRO D 277 35.75 18.28 2.32
C PRO D 277 34.96 17.10 2.91
N ALA D 278 33.92 16.65 2.21
CA ALA D 278 33.21 15.46 2.69
C ALA D 278 34.04 14.26 2.19
N LYS D 279 33.67 13.04 2.56
CA LYS D 279 34.35 11.87 2.03
C LYS D 279 33.66 11.61 0.73
N LEU D 280 34.38 11.15 -0.27
CA LEU D 280 33.77 10.80 -1.55
C LEU D 280 33.47 9.28 -1.58
N ASN D 281 32.29 8.93 -2.08
CA ASN D 281 31.93 7.51 -2.24
C ASN D 281 32.63 7.01 -3.50
N ARG D 282 33.42 5.94 -3.31
CA ARG D 282 34.10 5.21 -4.36
C ARG D 282 33.77 3.74 -4.18
N GLN D 283 33.75 2.97 -5.26
CA GLN D 283 33.38 1.56 -5.23
C GLN D 283 34.29 0.69 -4.38
N ASN D 284 35.55 1.12 -4.21
CA ASN D 284 36.55 0.41 -3.40
C ASN D 284 36.81 1.14 -2.09
N GLN D 285 36.05 2.21 -1.85
CA GLN D 285 36.15 3.04 -0.66
C GLN D 285 34.71 3.43 -0.25
N ILE D 286 33.89 2.46 0.19
CA ILE D 286 32.48 2.72 0.50
C ILE D 286 32.20 3.51 1.79
N ALA D 287 32.54 2.95 2.97
CA ALA D 287 32.34 3.64 4.25
C ALA D 287 33.49 3.32 5.21
N VAL D 288 33.83 4.30 6.06
CA VAL D 288 34.93 4.27 7.03
C VAL D 288 34.75 3.30 8.20
N ASP D 289 35.87 2.81 8.74
CA ASP D 289 35.89 1.89 9.86
C ASP D 289 35.45 2.49 11.19
N GLU D 290 35.45 3.82 11.31
CA GLU D 290 34.96 4.49 12.54
C GLU D 290 33.44 4.23 12.68
N ILE D 291 32.77 3.90 11.56
CA ILE D 291 31.34 3.57 11.54
C ILE D 291 31.11 2.07 11.27
N ARG D 292 32.03 1.45 10.54
CA ARG D 292 31.96 0.03 10.19
C ARG D 292 32.49 -0.90 11.29
N GLU D 293 33.34 -0.39 12.20
CA GLU D 293 33.94 -1.18 13.26
C GLU D 293 33.76 -0.59 14.66
N ARG D 294 33.68 0.73 14.75
CA ARG D 294 33.65 1.40 16.04
C ARG D 294 32.44 2.24 16.37
N LEU D 295 31.32 2.06 15.64
CA LEU D 295 30.08 2.80 15.91
C LEU D 295 29.58 2.53 17.32
N PHE D 296 29.49 3.61 18.13
CA PHE D 296 29.02 3.63 19.50
C PHE D 296 29.87 2.75 20.43
N GLU D 297 31.18 2.50 20.08
CA GLU D 297 32.03 1.67 20.96
C GLU D 297 32.13 2.17 22.40
N GLN D 298 32.29 3.49 22.57
CA GLN D 298 32.44 4.18 23.84
C GLN D 298 31.21 4.12 24.78
N VAL D 299 30.01 3.73 24.24
CA VAL D 299 28.71 3.69 24.96
C VAL D 299 28.01 2.32 25.04
N MET D 300 28.61 1.27 24.44
CA MET D 300 28.04 -0.06 24.43
C MET D 300 29.07 -1.15 24.69
N ARG D 301 28.57 -2.41 24.79
CA ARG D 301 29.39 -3.60 25.01
C ARG D 301 30.33 -3.95 23.85
N ILE D 302 29.96 -3.54 22.63
CA ILE D 302 30.70 -3.84 21.39
C ILE D 302 30.43 -2.72 20.38
N GLY D 303 31.43 -2.38 19.58
CA GLY D 303 31.30 -1.36 18.54
C GLY D 303 30.46 -1.93 17.43
N LEU D 304 29.46 -1.17 16.98
CA LEU D 304 28.55 -1.61 15.93
C LEU D 304 29.16 -1.42 14.55
N ASP D 305 28.54 -2.02 13.53
CA ASP D 305 28.90 -1.94 12.12
C ASP D 305 27.70 -1.31 11.44
N LEU D 306 27.76 0.01 11.15
CA LEU D 306 26.62 0.76 10.56
C LEU D 306 26.11 0.21 9.20
N PRO D 307 27.01 -0.03 8.20
CA PRO D 307 26.54 -0.60 6.92
C PRO D 307 25.87 -1.98 7.09
N ALA D 308 26.38 -2.81 8.00
CA ALA D 308 25.78 -4.11 8.30
C ALA D 308 24.38 -3.90 8.91
N LEU D 309 24.23 -2.92 9.82
CA LEU D 309 22.94 -2.61 10.40
C LEU D 309 21.95 -2.20 9.33
N ASN D 310 22.41 -1.38 8.35
CA ASN D 310 21.62 -0.89 7.22
C ASN D 310 21.01 -2.06 6.46
N MET D 311 21.82 -3.09 6.14
CA MET D 311 21.43 -4.32 5.41
C MET D 311 20.53 -5.23 6.24
N GLN D 312 20.82 -5.35 7.55
CA GLN D 312 19.97 -6.13 8.45
C GLN D 312 18.60 -5.42 8.58
N ARG D 313 18.60 -4.07 8.70
CA ARG D 313 17.40 -3.25 8.84
C ARG D 313 16.50 -3.38 7.65
N SER D 314 17.08 -3.39 6.45
CA SER D 314 16.29 -3.59 5.24
C SER D 314 15.60 -4.98 5.23
N ARG D 315 16.28 -6.01 5.78
CA ARG D 315 15.70 -7.36 5.89
C ARG D 315 14.60 -7.38 6.94
N ASP D 316 14.81 -6.72 8.10
CA ASP D 316 13.83 -6.57 9.18
C ASP D 316 12.57 -5.89 8.59
N HIS D 317 12.78 -4.90 7.70
CA HIS D 317 11.70 -4.13 7.07
C HIS D 317 11.05 -4.84 5.89
N GLY D 318 11.60 -6.01 5.51
CA GLY D 318 11.12 -6.83 4.41
C GLY D 318 11.24 -6.13 3.08
N LEU D 319 12.32 -5.35 2.89
CA LEU D 319 12.48 -4.64 1.63
C LEU D 319 12.92 -5.57 0.49
N PRO D 320 12.26 -5.50 -0.70
CA PRO D 320 12.73 -6.27 -1.86
C PRO D 320 14.18 -5.93 -2.20
N GLY D 321 14.86 -6.85 -2.90
CA GLY D 321 16.26 -6.65 -3.27
C GLY D 321 16.48 -5.66 -4.39
N TYR D 322 17.76 -5.46 -4.74
CA TYR D 322 18.24 -4.57 -5.78
C TYR D 322 17.43 -4.56 -7.09
N ASN D 323 17.36 -5.72 -7.79
CA ASN D 323 16.66 -5.85 -9.06
C ASN D 323 15.21 -5.44 -9.03
N ALA D 324 14.51 -5.68 -7.90
CA ALA D 324 13.11 -5.30 -7.75
C ALA D 324 12.99 -3.78 -7.69
N TRP D 325 13.93 -3.12 -7.02
CA TRP D 325 13.95 -1.66 -6.97
C TRP D 325 14.33 -1.03 -8.30
N ARG D 326 15.24 -1.70 -9.05
CA ARG D 326 15.69 -1.27 -10.38
C ARG D 326 14.48 -1.30 -11.32
N ARG D 327 13.69 -2.40 -11.26
CA ARG D 327 12.48 -2.55 -12.06
C ARG D 327 11.46 -1.45 -11.71
N PHE D 328 11.23 -1.24 -10.40
CA PHE D 328 10.29 -0.23 -9.92
C PHE D 328 10.64 1.14 -10.51
N CYS D 329 11.94 1.45 -10.59
CA CYS D 329 12.49 2.71 -11.10
C CYS D 329 12.54 2.81 -12.63
N GLY D 330 12.29 1.70 -13.32
CA GLY D 330 12.33 1.62 -14.76
C GLY D 330 13.73 1.47 -15.31
N LEU D 331 14.61 0.81 -14.53
CA LEU D 331 16.00 0.59 -14.88
C LEU D 331 16.25 -0.89 -15.23
N PRO D 332 17.22 -1.20 -16.13
CA PRO D 332 17.47 -2.60 -16.46
C PRO D 332 17.96 -3.35 -15.24
N GLN D 333 17.65 -4.63 -15.19
CA GLN D 333 17.98 -5.48 -14.07
C GLN D 333 18.97 -6.52 -14.49
N PRO D 334 20.23 -6.45 -14.03
CA PRO D 334 21.21 -7.49 -14.40
C PRO D 334 20.89 -8.84 -13.77
N GLU D 335 21.05 -9.92 -14.52
CA GLU D 335 20.80 -11.27 -14.02
C GLU D 335 22.11 -11.94 -13.71
N THR D 336 23.10 -11.63 -14.54
CA THR D 336 24.44 -12.19 -14.66
C THR D 336 25.57 -11.24 -14.16
N VAL D 337 26.72 -11.83 -13.72
CA VAL D 337 27.94 -11.14 -13.27
C VAL D 337 28.40 -10.10 -14.31
N GLY D 338 28.38 -10.51 -15.59
CA GLY D 338 28.75 -9.67 -16.72
C GLY D 338 27.86 -8.44 -16.80
N GLN D 339 26.52 -8.65 -16.73
CA GLN D 339 25.52 -7.57 -16.83
C GLN D 339 25.67 -6.61 -15.68
N LEU D 340 25.93 -7.16 -14.46
CA LEU D 340 26.11 -6.36 -13.25
C LEU D 340 27.38 -5.52 -13.37
N GLY D 341 28.45 -6.12 -13.93
CA GLY D 341 29.70 -5.45 -14.22
C GLY D 341 29.48 -4.25 -15.13
N THR D 342 28.57 -4.39 -16.11
CA THR D 342 28.18 -3.32 -17.01
C THR D 342 27.42 -2.22 -16.25
N VAL D 343 26.43 -2.63 -15.42
CA VAL D 343 25.60 -1.68 -14.66
C VAL D 343 26.51 -0.86 -13.69
N LEU D 344 27.40 -1.54 -12.97
CA LEU D 344 28.29 -0.92 -12.02
C LEU D 344 29.56 -0.31 -12.65
N ARG D 345 29.81 -0.57 -13.99
CA ARG D 345 31.02 -0.15 -14.73
C ARG D 345 32.25 -0.73 -13.97
N ASN D 346 32.08 -1.90 -13.34
CA ASN D 346 33.08 -2.50 -12.47
C ASN D 346 32.79 -3.98 -12.27
N LEU D 347 33.53 -4.85 -13.00
CA LEU D 347 33.40 -6.31 -12.93
C LEU D 347 33.90 -6.84 -11.60
N LYS D 348 35.02 -6.28 -11.08
CA LYS D 348 35.60 -6.68 -9.80
C LYS D 348 34.54 -6.59 -8.70
N LEU D 349 33.86 -5.42 -8.57
CA LEU D 349 32.78 -5.24 -7.60
C LEU D 349 31.62 -6.21 -7.85
N ALA D 350 31.21 -6.37 -9.14
CA ALA D 350 30.14 -7.29 -9.53
C ALA D 350 30.44 -8.73 -9.08
N ARG D 351 31.72 -9.18 -9.21
CA ARG D 351 32.14 -10.52 -8.80
C ARG D 351 32.01 -10.69 -7.28
N LYS D 352 32.47 -9.66 -6.51
CA LYS D 352 32.39 -9.66 -5.05
C LYS D 352 30.93 -9.71 -4.64
N LEU D 353 30.07 -8.88 -5.27
CA LEU D 353 28.63 -8.87 -5.01
C LEU D 353 27.96 -10.20 -5.39
N MET D 354 28.41 -10.85 -6.48
CA MET D 354 27.85 -12.16 -6.87
C MET D 354 28.27 -13.25 -5.90
N GLU D 355 29.51 -13.21 -5.40
CA GLU D 355 30.04 -14.16 -4.43
C GLU D 355 29.24 -14.12 -3.14
N GLN D 356 28.86 -12.93 -2.69
CA GLN D 356 28.03 -12.75 -1.51
C GLN D 356 26.57 -13.16 -1.72
N TYR D 357 25.92 -12.63 -2.77
CA TYR D 357 24.48 -12.80 -2.99
C TYR D 357 23.98 -13.88 -3.95
N GLY D 358 24.82 -14.30 -4.89
CA GLY D 358 24.46 -15.30 -5.88
C GLY D 358 23.67 -14.75 -7.05
N THR D 359 22.89 -13.70 -6.83
CA THR D 359 22.05 -13.06 -7.83
C THR D 359 21.87 -11.59 -7.51
N PRO D 360 21.81 -10.67 -8.52
CA PRO D 360 21.54 -9.27 -8.20
C PRO D 360 20.11 -9.04 -7.68
N ASN D 361 19.26 -10.08 -7.65
CA ASN D 361 17.92 -9.97 -7.06
C ASN D 361 18.02 -9.86 -5.55
N ASN D 362 19.02 -10.53 -4.96
CA ASN D 362 19.23 -10.59 -3.53
C ASN D 362 20.06 -9.49 -2.93
N ILE D 363 20.72 -8.62 -3.77
CA ILE D 363 21.53 -7.52 -3.22
C ILE D 363 20.64 -6.58 -2.40
N ASP D 364 21.02 -6.36 -1.12
CA ASP D 364 20.28 -5.46 -0.22
C ASP D 364 20.34 -4.02 -0.80
N ILE D 365 19.18 -3.33 -0.80
CA ILE D 365 18.98 -1.98 -1.35
C ILE D 365 20.11 -0.99 -1.10
N TRP D 366 20.50 -0.78 0.16
CA TRP D 366 21.59 0.14 0.54
C TRP D 366 22.88 -0.23 -0.24
N MET D 367 23.31 -1.52 -0.11
CA MET D 367 24.50 -2.06 -0.75
C MET D 367 24.50 -1.91 -2.29
N GLY D 368 23.37 -2.23 -2.93
CA GLY D 368 23.22 -2.10 -4.36
C GLY D 368 23.27 -0.65 -4.77
N GLY D 369 22.49 0.14 -4.05
CA GLY D 369 22.38 1.57 -4.27
C GLY D 369 23.70 2.32 -4.19
N VAL D 370 24.44 2.11 -3.08
CA VAL D 370 25.72 2.79 -2.85
C VAL D 370 26.86 2.30 -3.78
N SER D 371 26.68 1.11 -4.41
CA SER D 371 27.64 0.46 -5.32
C SER D 371 27.65 1.09 -6.71
N GLU D 372 26.50 1.64 -7.13
CA GLU D 372 26.33 2.23 -8.47
C GLU D 372 27.21 3.44 -8.69
N PRO D 373 27.87 3.54 -9.88
CA PRO D 373 28.64 4.75 -10.18
C PRO D 373 27.72 6.02 -10.12
N LEU D 374 28.27 7.13 -9.60
CA LEU D 374 27.56 8.38 -9.34
C LEU D 374 27.14 9.11 -10.63
N LYS D 375 26.01 9.80 -10.56
CA LYS D 375 25.48 10.57 -11.68
C LYS D 375 26.31 11.83 -11.85
N ARG D 376 26.42 12.36 -13.09
CA ARG D 376 27.13 13.61 -13.38
C ARG D 376 26.64 14.75 -12.43
N LYS D 377 27.60 15.34 -11.67
CA LYS D 377 27.43 16.44 -10.70
C LYS D 377 26.53 16.12 -9.49
N GLY D 378 26.30 14.82 -9.27
CA GLY D 378 25.51 14.30 -8.15
C GLY D 378 26.34 13.35 -7.31
N ARG D 379 25.75 12.91 -6.20
CA ARG D 379 26.44 12.00 -5.26
C ARG D 379 25.71 10.68 -4.99
N VAL D 380 24.77 10.31 -5.89
CA VAL D 380 24.05 9.02 -5.91
C VAL D 380 24.02 8.46 -7.34
N GLY D 381 23.78 7.17 -7.47
CA GLY D 381 23.63 6.51 -8.76
C GLY D 381 22.18 6.59 -9.21
N PRO D 382 21.82 6.05 -10.40
CA PRO D 382 20.43 6.15 -10.88
C PRO D 382 19.32 5.58 -9.98
N LEU D 383 19.57 4.48 -9.26
CA LEU D 383 18.60 3.85 -8.36
C LEU D 383 18.22 4.75 -7.17
N LEU D 384 19.24 5.19 -6.41
CA LEU D 384 19.02 6.06 -5.26
C LEU D 384 18.50 7.43 -5.73
N ALA D 385 18.91 7.88 -6.93
CA ALA D 385 18.42 9.14 -7.50
C ALA D 385 16.92 9.05 -7.68
N CYS D 386 16.47 7.88 -8.16
CA CYS D 386 15.05 7.65 -8.34
C CYS D 386 14.30 7.59 -7.01
N ILE D 387 14.69 6.68 -6.09
CA ILE D 387 14.03 6.57 -4.79
C ILE D 387 14.00 7.93 -4.04
N ILE D 388 15.19 8.59 -3.95
CA ILE D 388 15.32 9.87 -3.26
C ILE D 388 14.48 10.96 -3.93
N GLY D 389 14.68 11.16 -5.23
CA GLY D 389 13.97 12.15 -6.03
C GLY D 389 12.45 12.01 -5.94
N THR D 390 11.95 10.77 -6.14
CA THR D 390 10.54 10.40 -6.02
C THR D 390 9.99 10.82 -4.65
N GLN D 391 10.72 10.48 -3.57
CA GLN D 391 10.28 10.82 -2.22
C GLN D 391 10.17 12.31 -1.99
N PHE D 392 11.23 13.09 -2.37
CA PHE D 392 11.22 14.54 -2.19
C PHE D 392 10.20 15.27 -3.05
N ARG D 393 9.79 14.69 -4.21
CA ARG D 393 8.75 15.35 -5.00
C ARG D 393 7.42 15.21 -4.29
N LYS D 394 7.16 14.03 -3.72
CA LYS D 394 5.95 13.75 -2.95
C LYS D 394 5.84 14.66 -1.71
N LEU D 395 6.95 14.96 -1.03
CA LEU D 395 6.97 15.83 0.17
C LEU D 395 6.73 17.31 -0.19
N ARG D 396 7.04 17.70 -1.44
CA ARG D 396 6.92 19.07 -1.95
C ARG D 396 5.51 19.32 -2.50
N ASP D 397 5.06 18.48 -3.45
CA ASP D 397 3.76 18.53 -4.13
C ASP D 397 2.60 18.11 -3.26
N GLY D 398 2.88 17.33 -2.21
CA GLY D 398 1.90 16.85 -1.25
C GLY D 398 1.89 17.63 0.06
N ASP D 399 2.58 18.77 0.14
CA ASP D 399 2.57 19.58 1.36
C ASP D 399 1.69 20.81 1.16
N ARG D 400 0.58 20.90 1.92
CA ARG D 400 -0.35 22.03 1.82
C ARG D 400 0.29 23.31 2.32
N PHE D 401 1.31 23.18 3.21
CA PHE D 401 2.08 24.30 3.78
C PHE D 401 3.45 24.46 3.14
N TRP D 402 3.63 23.96 1.90
CA TRP D 402 4.84 24.19 1.14
C TRP D 402 5.05 25.70 1.00
N TRP D 403 6.27 26.18 1.30
CA TRP D 403 6.60 27.61 1.28
C TRP D 403 6.15 28.44 0.06
N GLU D 404 6.14 27.85 -1.14
CA GLU D 404 5.72 28.53 -2.37
C GLU D 404 4.20 28.38 -2.63
N ASN D 405 3.50 27.49 -1.91
CA ASN D 405 2.07 27.31 -2.13
C ASN D 405 1.24 28.59 -1.90
N GLU D 406 0.41 28.99 -2.91
CA GLU D 406 -0.41 30.21 -2.84
C GLU D 406 -1.18 30.28 -1.57
N GLY D 407 -1.00 31.37 -0.82
CA GLY D 407 -1.67 31.56 0.47
C GLY D 407 -0.86 31.25 1.70
N VAL D 408 0.20 30.41 1.58
CA VAL D 408 1.09 30.08 2.73
C VAL D 408 1.85 31.36 3.18
N PHE D 409 2.51 32.05 2.24
CA PHE D 409 3.19 33.32 2.50
C PHE D 409 2.71 34.37 1.48
N SER D 410 3.04 35.68 1.70
CA SER D 410 2.71 36.72 0.74
C SER D 410 3.83 36.79 -0.33
N MET D 411 3.54 37.43 -1.52
CA MET D 411 4.52 37.66 -2.62
C MET D 411 5.80 38.28 -2.01
N GLN D 412 5.65 39.29 -1.11
CA GLN D 412 6.73 40.00 -0.43
C GLN D 412 7.48 39.09 0.55
N GLN D 413 6.75 38.28 1.37
CA GLN D 413 7.36 37.32 2.32
C GLN D 413 8.19 36.28 1.55
N ARG D 414 7.63 35.78 0.43
CA ARG D 414 8.26 34.79 -0.43
C ARG D 414 9.56 35.34 -1.06
N GLN D 415 9.57 36.66 -1.44
CA GLN D 415 10.74 37.32 -2.03
C GLN D 415 11.78 37.58 -0.93
N ALA D 416 11.35 37.76 0.34
CA ALA D 416 12.26 37.97 1.48
C ALA D 416 12.94 36.66 1.85
N LEU D 417 12.19 35.54 1.83
CA LEU D 417 12.67 34.19 2.14
C LEU D 417 13.62 33.66 1.06
N ALA D 418 13.40 34.06 -0.21
CA ALA D 418 14.23 33.67 -1.35
C ALA D 418 15.70 34.12 -1.15
N GLN D 419 15.93 35.03 -0.20
CA GLN D 419 17.22 35.62 0.13
C GLN D 419 17.96 34.90 1.25
N ILE D 420 17.35 33.89 1.90
CA ILE D 420 18.01 33.17 2.99
C ILE D 420 19.12 32.25 2.48
N SER D 421 20.07 31.92 3.36
CA SER D 421 21.19 31.00 3.10
C SER D 421 21.66 30.43 4.42
N LEU D 422 22.21 29.18 4.41
CA LEU D 422 22.75 28.57 5.61
C LEU D 422 23.99 29.37 6.11
N PRO D 423 24.91 29.87 5.21
CA PRO D 423 25.99 30.74 5.70
C PRO D 423 25.45 31.94 6.49
N ARG D 424 24.37 32.62 6.04
CA ARG D 424 23.76 33.75 6.78
C ARG D 424 23.21 33.36 8.17
N ILE D 425 22.55 32.18 8.29
CA ILE D 425 22.00 31.66 9.56
C ILE D 425 23.17 31.51 10.57
N ILE D 426 24.33 31.03 10.07
CA ILE D 426 25.55 30.89 10.87
C ILE D 426 26.00 32.29 11.39
N CYS D 427 26.08 33.30 10.50
CA CYS D 427 26.45 34.70 10.82
C CYS D 427 25.62 35.25 11.96
N ASP D 428 24.30 35.14 11.83
CA ASP D 428 23.29 35.67 12.74
C ASP D 428 23.25 35.03 14.10
N ASN D 429 23.71 33.78 14.22
CA ASN D 429 23.58 33.03 15.47
C ASN D 429 24.87 32.48 16.06
N THR D 430 26.02 32.91 15.55
CA THR D 430 27.32 32.46 16.07
C THR D 430 28.30 33.63 16.14
N GLY D 431 29.54 33.35 16.55
CA GLY D 431 30.63 34.32 16.61
C GLY D 431 31.46 34.28 15.34
N ILE D 432 31.01 33.50 14.34
CA ILE D 432 31.67 33.36 13.05
C ILE D 432 31.39 34.60 12.20
N THR D 433 32.45 35.18 11.65
CA THR D 433 32.44 36.40 10.84
C THR D 433 32.86 36.14 9.38
N THR D 434 33.39 34.92 9.11
CA THR D 434 33.80 34.50 7.78
C THR D 434 33.20 33.14 7.47
N VAL D 435 32.33 33.07 6.44
CA VAL D 435 31.57 31.88 6.06
C VAL D 435 31.76 31.46 4.59
N SER D 436 31.22 30.28 4.22
CA SER D 436 31.27 29.71 2.87
C SER D 436 30.53 30.60 1.88
N LYS D 437 31.04 30.64 0.65
CA LYS D 437 30.40 31.30 -0.49
C LYS D 437 29.30 30.33 -0.90
N ASN D 438 28.13 30.85 -1.25
CA ASN D 438 27.05 30.00 -1.73
C ASN D 438 27.56 29.35 -3.03
N ASN D 439 27.45 28.01 -3.19
CA ASN D 439 26.73 27.03 -2.37
C ASN D 439 27.59 26.49 -1.23
N ILE D 440 27.07 26.53 0.02
CA ILE D 440 27.71 26.02 1.24
C ILE D 440 28.09 24.53 1.14
N PHE D 441 27.29 23.76 0.37
CA PHE D 441 27.46 22.33 0.21
C PHE D 441 28.59 21.98 -0.71
N MET D 442 28.98 22.93 -1.58
CA MET D 442 30.11 22.76 -2.50
C MET D 442 31.38 23.39 -1.92
N SER D 443 31.26 24.62 -1.36
CA SER D 443 32.34 25.38 -0.73
C SER D 443 32.96 24.60 0.43
N ASN D 444 34.28 24.35 0.36
CA ASN D 444 35.01 23.56 1.37
C ASN D 444 36.47 24.01 1.61
N SER D 445 36.95 25.04 0.90
CA SER D 445 38.34 25.45 1.06
C SER D 445 38.55 26.87 1.57
N TYR D 446 39.33 26.99 2.66
CA TYR D 446 39.66 28.27 3.24
C TYR D 446 41.07 28.76 2.83
N PRO D 447 41.22 30.02 2.37
CA PRO D 447 40.19 31.05 2.25
C PRO D 447 39.49 31.20 0.92
N ARG D 448 39.88 30.39 -0.09
CA ARG D 448 39.34 30.40 -1.47
C ARG D 448 37.79 30.51 -1.56
N ASP D 449 37.06 29.61 -0.87
CA ASP D 449 35.60 29.50 -0.90
C ASP D 449 34.91 30.30 0.21
N PHE D 450 35.65 31.23 0.86
CA PHE D 450 35.07 32.00 1.97
C PHE D 450 34.90 33.49 1.72
N VAL D 451 33.91 34.13 2.44
CA VAL D 451 33.57 35.57 2.39
C VAL D 451 33.24 36.12 3.78
N ASN D 452 33.24 37.46 3.91
CA ASN D 452 32.87 38.14 5.15
C ASN D 452 31.35 38.20 5.27
N CYS D 453 30.84 38.06 6.50
CA CYS D 453 29.41 38.11 6.86
C CYS D 453 28.70 39.41 6.45
N SER D 454 29.46 40.50 6.37
CA SER D 454 29.03 41.84 6.00
C SER D 454 28.54 41.88 4.54
N THR D 455 29.11 41.01 3.66
CA THR D 455 28.75 40.92 2.24
C THR D 455 27.42 40.21 2.05
N LEU D 456 26.94 39.53 3.10
CA LEU D 456 25.70 38.76 3.06
C LEU D 456 24.52 39.54 3.62
N PRO D 457 23.50 39.79 2.76
CA PRO D 457 22.29 40.51 3.26
C PRO D 457 21.44 39.60 4.15
N ALA D 458 20.86 40.21 5.19
CA ALA D 458 20.04 39.49 6.17
C ALA D 458 18.60 39.24 5.67
N LEU D 459 17.85 38.38 6.40
CA LEU D 459 16.45 38.14 6.08
C LEU D 459 15.70 39.37 6.55
N ASN D 460 15.05 40.06 5.61
CA ASN D 460 14.27 41.25 5.91
C ASN D 460 12.84 40.86 6.33
N LEU D 461 12.52 41.06 7.61
CA LEU D 461 11.21 40.73 8.16
C LEU D 461 10.14 41.83 8.02
N ALA D 462 10.42 42.89 7.22
CA ALA D 462 9.50 44.03 7.01
C ALA D 462 8.07 43.61 6.61
N SER D 463 7.96 42.61 5.69
CA SER D 463 6.69 42.05 5.18
C SER D 463 5.84 41.33 6.27
N TRP D 464 6.41 41.11 7.48
CA TRP D 464 5.73 40.48 8.62
C TRP D 464 5.07 41.52 9.58
N ARG D 465 5.16 42.83 9.24
CA ARG D 465 4.59 43.90 10.06
C ARG D 465 3.07 43.92 9.94
N GLU D 466 2.41 44.15 11.07
CA GLU D 466 0.97 44.26 11.24
C GLU D 466 0.71 45.54 12.04
C1 NAG E . -42.75 -25.84 0.01
C2 NAG E . -43.80 -25.10 -0.83
C3 NAG E . -44.93 -26.06 -1.16
C4 NAG E . -44.38 -27.34 -1.81
C5 NAG E . -43.34 -27.99 -0.90
C6 NAG E . -42.68 -29.20 -1.53
C7 NAG E . -43.96 -22.72 -0.19
C8 NAG E . -44.25 -21.79 0.95
N2 NAG E . -44.28 -24.01 0.00
O3 NAG E . -45.83 -25.42 -2.07
O4 NAG E . -45.45 -28.25 -2.06
O5 NAG E . -42.30 -27.04 -0.61
O6 NAG E . -42.02 -30.00 -0.55
O7 NAG E . -43.45 -22.33 -1.23
C1 NAG E . -45.85 -28.77 -3.36
C2 NAG E . -46.75 -29.97 -3.05
C3 NAG E . -47.32 -30.46 -4.38
C4 NAG E . -48.13 -29.36 -5.05
C5 NAG E . -47.27 -28.11 -5.22
C6 NAG E . -48.05 -26.89 -5.67
C7 NAG E . -46.10 -31.20 -1.02
C8 NAG E . -45.18 -32.22 -0.45
N2 NAG E . -46.03 -31.02 -2.36
O3 NAG E . -48.12 -31.62 -4.18
O4 NAG E . -48.62 -29.82 -6.31
O5 NAG E . -46.66 -27.75 -3.96
O6 NAG E . -48.75 -26.28 -4.59
O7 NAG E . -46.87 -30.55 -0.32
C1 NAG F . 6.43 -6.45 -14.89
C2 NAG F . 7.03 -5.58 -16.00
C3 NAG F . 7.70 -4.42 -15.26
C4 NAG F . 6.66 -3.64 -14.46
C5 NAG F . 5.85 -4.56 -13.55
C6 NAG F . 4.59 -3.91 -13.00
C7 NAG F . 7.65 -6.95 -17.95
C8 NAG F . 8.73 -7.76 -18.59
N2 NAG F . 7.99 -6.32 -16.80
O3 NAG F . 8.34 -3.55 -16.19
O4 NAG F . 7.32 -2.66 -13.67
O5 NAG F . 5.39 -5.71 -14.27
O6 NAG F . 3.76 -3.45 -14.04
O7 NAG F . 6.52 -6.88 -18.43
C1 NAG F . 6.84 -1.33 -13.64
C2 NAG F . 7.22 -0.74 -12.27
C3 NAG F . 6.81 0.73 -12.32
C4 NAG F . 7.52 1.44 -13.48
C5 NAG F . 7.13 0.76 -14.79
C6 NAG F . 7.85 1.31 -16.00
C7 NAG F . 7.05 -2.40 -10.44
C8 NAG F . 6.11 -3.10 -9.51
N2 NAG F . 6.50 -1.44 -11.23
O3 NAG F . 7.08 1.37 -11.08
O4 NAG F . 7.19 2.82 -13.54
O5 NAG F . 7.46 -0.63 -14.72
O6 NAG F . 9.24 1.06 -15.98
O7 NAG F . 8.25 -2.69 -10.50
C1 BMA F . 8.22 3.75 -13.30
C2 BMA F . 8.02 5.00 -14.13
C3 BMA F . 9.04 6.07 -13.75
C4 BMA F . 9.09 6.31 -12.24
C5 BMA F . 9.16 4.99 -11.47
C6 BMA F . 8.97 5.15 -9.98
O2 BMA F . 6.69 5.46 -13.95
O3 BMA F . 8.71 7.29 -14.40
O4 BMA F . 10.26 7.06 -11.94
O5 BMA F . 8.14 4.09 -11.92
O6 BMA F . 7.75 5.82 -9.67
C1 MAN F . 9.75 8.13 -14.93
C2 MAN F . 9.14 9.30 -15.68
C3 MAN F . 8.63 8.82 -17.05
C4 MAN F . 9.74 8.13 -17.84
C5 MAN F . 10.40 7.03 -17.00
C6 MAN F . 11.64 6.44 -17.64
O2 MAN F . 10.10 10.34 -15.83
O3 MAN F . 8.06 9.91 -17.76
O4 MAN F . 9.20 7.54 -19.01
O5 MAN F . 10.80 7.54 -15.72
O6 MAN F . 12.33 5.57 -16.74
C1 MAN F . 6.51 5.09 -9.56
C2 MAN F . 5.50 5.83 -10.43
C3 MAN F . 5.04 7.11 -9.72
C4 MAN F . 4.52 6.81 -8.31
C5 MAN F . 5.55 6.01 -7.51
C6 MAN F . 5.02 5.50 -6.18
O2 MAN F . 4.41 4.98 -10.82
O3 MAN F . 4.09 7.84 -10.48
O4 MAN F . 4.28 8.04 -7.65
O5 MAN F . 5.96 4.85 -8.25
O6 MAN F . 4.16 4.36 -6.31
C1 FUC F . 2.51 -2.72 -13.81
C2 FUC F . 2.32 -1.63 -14.89
C3 FUC F . 2.18 -2.26 -16.28
C4 FUC F . 1.07 -3.32 -16.30
C5 FUC F . 1.30 -4.34 -15.18
C6 FUC F . 0.20 -5.36 -15.07
O2 FUC F . 3.41 -0.71 -14.88
O3 FUC F . 1.93 -1.27 -17.25
O4 FUC F . -0.21 -2.69 -16.16
O5 FUC F . 1.44 -3.66 -13.91
C1 NAG G . 36.70 14.84 30.37
C2 NAG G . 38.05 14.59 29.72
C3 NAG G . 39.11 15.39 30.47
C4 NAG G . 38.72 16.87 30.54
C5 NAG G . 37.35 17.02 31.18
C6 NAG G . 36.83 18.44 31.19
C7 NAG G . 38.21 12.32 28.75
C8 NAG G . 38.21 10.86 29.09
N2 NAG G . 38.33 13.17 29.80
O3 NAG G . 40.36 15.23 29.80
O4 NAG G . 39.70 17.58 31.30
O5 NAG G . 36.38 16.24 30.46
O6 NAG G . 35.77 18.61 32.12
O7 NAG G . 38.11 12.72 27.59
C1 NAG G . 40.54 18.67 30.86
C2 NAG G . 41.11 19.26 32.15
C3 NAG G . 42.17 20.29 31.78
C4 NAG G . 43.27 19.65 30.95
C5 NAG G . 42.67 18.95 29.72
C6 NAG G . 43.66 18.11 28.94
C7 NAG G . 39.52 19.25 34.03
C8 NAG G . 38.34 19.93 34.64
N2 NAG G . 40.07 19.86 32.96
O3 NAG G . 42.75 20.87 32.95
O4 NAG G . 44.24 20.63 30.57
O5 NAG G . 41.61 18.07 30.13
O6 NAG G . 43.90 16.85 29.58
O7 NAG G . 39.97 18.19 34.48
C1 NAG H . -1.93 15.28 -8.93
C2 NAG H . -2.08 15.33 -10.45
C3 NAG H . -2.79 14.04 -10.85
C4 NAG H . -2.00 12.82 -10.40
C5 NAG H . -1.65 12.89 -8.92
C6 NAG H . -0.60 11.88 -8.50
C7 NAG H . -2.22 17.68 -11.20
C8 NAG H . -3.14 18.83 -11.49
N2 NAG H . -2.81 16.51 -10.88
O3 NAG H . -2.95 14.01 -12.27
O4 NAG H . -2.78 11.66 -10.66
O5 NAG H . -1.09 14.17 -8.60
O6 NAG H . 0.60 12.04 -9.26
O7 NAG H . -0.99 17.82 -11.23
C1 NAG H . -2.21 10.52 -11.28
C2 NAG H . -2.97 9.28 -10.80
C3 NAG H . -2.40 8.10 -11.59
C4 NAG H . -2.57 8.34 -13.09
C5 NAG H . -1.84 9.62 -13.49
C6 NAG H . -1.99 10.01 -14.93
C7 NAG H . -3.62 9.46 -8.41
C8 NAG H . -3.14 9.35 -7.00
N2 NAG H . -2.74 9.11 -9.37
O3 NAG H . -2.98 6.86 -11.20
O4 NAG H . -2.07 7.25 -13.86
O5 NAG H . -2.34 10.72 -12.69
O6 NAG H . -3.32 10.38 -15.25
O7 NAG H . -4.76 9.88 -8.68
C1 BMA H . -2.99 6.52 -14.66
C2 BMA H . -2.32 6.03 -15.93
C3 BMA H . -3.23 5.05 -16.68
C4 BMA H . -3.76 3.95 -15.76
C5 BMA H . -4.32 4.53 -14.47
C6 BMA H . -4.65 3.48 -13.45
O2 BMA H . -1.08 5.40 -15.60
O3 BMA H . -2.51 4.47 -17.76
O4 BMA H . -4.79 3.24 -16.44
O5 BMA H . -3.35 5.39 -13.86
O6 BMA H . -3.53 2.65 -13.16
C1 MAN H . -3.09 4.19 -19.02
C2 MAN H . -2.00 3.78 -20.00
C3 MAN H . -1.27 5.02 -20.52
C4 MAN H . -2.25 6.04 -21.09
C5 MAN H . -3.35 6.38 -20.08
C6 MAN H . -4.47 7.21 -20.65
O2 MAN H . -2.58 3.04 -21.06
O3 MAN H . -0.29 4.64 -21.47
O4 MAN H . -1.56 7.24 -21.43
O5 MAN H . -3.96 5.15 -19.61
O6 MAN H . -5.57 7.29 -19.76
C1 MAN H . -2.54 2.95 -12.20
C2 MAN H . -1.19 2.77 -12.90
C3 MAN H . -0.84 1.30 -13.06
C4 MAN H . -0.97 0.53 -11.75
C5 MAN H . -2.31 0.81 -11.06
C6 MAN H . -2.40 0.25 -9.66
O2 MAN H . -0.16 3.53 -12.26
O3 MAN H . 0.46 1.12 -13.62
O4 MAN H . -0.91 -0.87 -12.04
O5 MAN H . -2.55 2.23 -10.97
O6 MAN H . -1.72 1.05 -8.70
C1 FUC H . 1.75 11.17 -9.12
C2 FUC H . 2.41 10.90 -10.47
C3 FUC H . 3.00 12.21 -11.04
C4 FUC H . 3.92 12.89 -10.03
C5 FUC H . 3.22 13.06 -8.68
C6 FUC H . 4.12 13.58 -7.59
O2 FUC H . 1.49 10.34 -11.40
O3 FUC H . 3.72 11.93 -12.23
O4 FUC H . 5.11 12.12 -9.89
O5 FUC H . 2.69 11.79 -8.23
CL CL I . -8.32 0.65 -3.36
CHA HEM J . -21.76 -8.20 -2.86
CHB HEM J . -26.01 -10.02 -3.46
CHC HEM J . -25.13 -10.69 -8.17
CHD HEM J . -20.66 -8.94 -7.50
C1A HEM J . -23.04 -8.57 -2.66
C2A HEM J . -23.67 -8.49 -1.39
C3A HEM J . -24.90 -8.96 -1.57
C4A HEM J . -24.98 -9.32 -2.93
CMA HEM J . -25.89 -9.07 -0.48
CAA HEM J . -23.07 -8.00 -0.06
CBA HEM J . -23.55 -6.52 0.05
CGA HEM J . -22.89 -5.63 1.13
O1A HEM J . -23.12 -5.76 2.30
O2A HEM J . -22.01 -4.67 0.78
C1B HEM J . -26.06 -10.41 -4.82
C2B HEM J . -27.17 -11.15 -5.30
C3B HEM J . -26.97 -11.37 -6.58
C4B HEM J . -25.67 -10.73 -6.91
CMB HEM J . -28.41 -11.49 -4.53
CAB HEM J . -27.98 -12.02 -7.43
CBB HEM J . -28.11 -13.17 -8.05
C1C HEM J . -23.91 -10.12 -8.41
C2C HEM J . -23.29 -10.12 -9.69
C3C HEM J . -22.00 -9.55 -9.53
C4C HEM J . -21.85 -9.28 -8.11
CMC HEM J . -24.00 -10.65 -10.93
CAC HEM J . -20.96 -9.29 -10.53
CBC HEM J . -21.10 -9.44 -11.84
C1D HEM J . -20.60 -8.67 -6.13
C2D HEM J . -19.39 -8.32 -5.42
C3D HEM J . -19.71 -8.07 -4.17
C4D HEM J . -21.12 -8.35 -4.07
CMD HEM J . -18.04 -8.10 -5.98
CAD HEM J . -18.78 -7.81 -2.98
CBD HEM J . -18.10 -9.18 -2.64
CGD HEM J . -17.25 -9.20 -1.40
O1D HEM J . -16.05 -8.97 -1.42
O2D HEM J . -17.80 -9.49 -0.21
NA HEM J . -23.86 -8.98 -3.66
NB HEM J . -25.19 -10.11 -5.80
NC HEM J . -23.04 -9.52 -7.44
ND HEM J . -21.65 -8.67 -5.28
FE HEM J . -23.55 -8.98 -5.63
C1 NAG K . -17.62 -41.27 -2.53
C2 NAG K . -19.07 -40.86 -2.30
C3 NAG K . -19.96 -42.10 -2.27
C4 NAG K . -19.80 -42.87 -3.59
C5 NAG K . -18.33 -43.20 -3.86
C6 NAG K . -18.10 -43.73 -5.26
C7 NAG K . -19.49 -38.76 -1.08
C8 NAG K . -19.66 -38.14 0.27
N2 NAG K . -19.23 -40.08 -1.08
O3 NAG K . -21.31 -41.69 -2.12
O4 NAG K . -20.60 -44.06 -3.60
O5 NAG K . -17.52 -42.01 -3.75
O6 NAG K . -18.42 -42.75 -6.24
O7 NAG K . -19.59 -38.11 -2.11
CA CA L . -9.73 -17.75 -6.09
CL CL M . -25.33 -34.35 3.00
C13 JXP N . -27.87 -14.57 5.83
C13 JXP N . -27.87 -14.60 5.82
C18 JXP N . -28.62 -13.46 5.42
C18 JXP N . -28.30 -15.35 6.90
C17 JXP N . -29.85 -13.23 5.99
C17 JXP N . -29.42 -14.99 7.60
C16 JXP N . -30.38 -14.02 6.98
C16 JXP N . -30.17 -13.90 7.27
C15 JXP N . -29.64 -15.11 7.40
C15 JXP N . -29.77 -13.13 6.18
C11 JXP N . -24.84 -16.48 4.61
C12 JXP N . -24.25 -15.55 3.77
F JXP N . -30.58 -12.19 5.52
F JXP N . -29.77 -15.73 8.68
O JXP N . -24.19 -12.91 1.67
CL JXP N . -22.87 -16.02 2.86
C1 JXP N . -22.26 -11.43 1.58
N1 JXP N . -21.24 -10.96 -0.55
C2 JXP N . -21.25 -10.86 0.81
N2 JXP N . -24.27 -12.72 -1.39
C3 JXP N . -22.29 -11.58 -1.10
N3 JXP N . -23.77 -12.50 -2.54
C4 JXP N . -23.36 -12.16 -0.42
N4 JXP N . -22.56 -11.81 -2.46
C5 JXP N . -23.30 -12.11 0.99
N5 JXP N . -20.27 -10.11 1.37
C6 JXP N . -23.95 -13.13 3.08
C7 JXP N . -24.77 -14.27 3.63
C8 JXP N . -26.00 -14.00 4.26
C9 JXP N . -26.60 -14.91 5.14
C10 JXP N . -25.99 -16.16 5.30
C14 JXP N . -28.40 -15.39 6.82
C14 JXP N . -28.63 -13.47 5.47
CHA HEM O . 19.89 5.48 10.51
CHB HEM O . 23.86 6.67 12.64
CHC HEM O . 24.71 10.02 9.28
CHD HEM O . 20.47 8.93 7.21
C1A HEM O . 20.96 5.45 11.31
C2A HEM O . 21.11 4.55 12.40
C3A HEM O . 22.26 4.84 12.99
C4A HEM O . 22.78 5.93 12.26
CMA HEM O . 22.84 4.09 14.14
CAA HEM O . 20.13 3.43 12.80
CBA HEM O . 20.66 2.15 12.15
CGA HEM O . 19.77 0.89 12.27
O1A HEM O . 19.67 0.22 13.29
O2A HEM O . 19.05 0.48 11.20
C1B HEM O . 24.38 7.73 11.90
C2B HEM O . 25.53 8.41 12.32
C3B HEM O . 25.80 9.35 11.44
C4B HEM O . 24.75 9.25 10.41
CMB HEM O . 26.40 8.07 13.48
CAB HEM O . 26.98 10.24 11.57
CBB HEM O . 27.12 11.35 10.84
C1C HEM O . 23.69 9.92 8.36
C2C HEM O . 23.60 10.75 7.22
C3C HEM O . 22.38 10.41 6.58
C4C HEM O . 21.76 9.40 7.38
CMC HEM O . 24.64 11.80 6.88
CAC HEM O . 21.78 10.97 5.33
CBC HEM O . 22.39 11.85 4.52
C1D HEM O . 19.95 7.95 8.06
C2D HEM O . 18.60 7.43 7.95
C3D HEM O . 18.47 6.46 8.82
C4D HEM O . 19.71 6.44 9.56
CMD HEM O . 17.56 7.77 6.94
CAD HEM O . 17.20 5.66 9.13
CBD HEM O . 16.29 6.63 9.94
CGD HEM O . 15.04 6.02 10.60
O1D HEM O . 13.97 6.04 10.02
O2D HEM O . 15.09 5.47 11.83
NA HEM O . 22.06 6.25 11.12
NB HEM O . 23.95 8.20 10.70
NC HEM O . 22.62 9.01 8.41
ND HEM O . 20.59 7.30 9.06
FE HEM O . 22.51 7.42 9.58
C1 NAG P . 12.66 32.03 29.29
C2 NAG P . 13.99 31.37 29.64
C3 NAG P . 14.67 32.21 30.73
C4 NAG P . 14.88 33.64 30.23
C5 NAG P . 13.56 34.25 29.75
C6 NAG P . 13.76 35.55 29.01
C7 NAG P . 14.18 28.93 29.41
C8 NAG P . 13.93 27.60 30.06
N2 NAG P . 13.79 30.00 30.11
O3 NAG P . 15.92 31.61 31.03
O4 NAG P . 15.52 34.44 31.23
O5 NAG P . 12.90 33.37 28.83
O6 NAG P . 14.44 35.34 27.78
O7 NAG P . 14.70 29.03 28.30
CA CA Q . 9.00 16.71 9.72
#